data_9GUK
#
_entry.id   9GUK
#
_cell.length_a   113.260
_cell.length_b   68.180
_cell.length_c   126.250
_cell.angle_alpha   90.00
_cell.angle_beta   115.07
_cell.angle_gamma   90.00
#
_symmetry.space_group_name_H-M   'P 1 21 1'
#
loop_
_entity.id
_entity.type
_entity.pdbx_description
1 polymer 'Global nitrogen regulator'
2 polymer 'DNA (30-MER)'
3 polymer PipX
4 non-polymer '2-OXOGLUTARIC ACID'
#
loop_
_entity_poly.entity_id
_entity_poly.type
_entity_poly.pdbx_seq_one_letter_code
_entity_poly.pdbx_strand_id
1 'polypeptide(L)'
;MLANENSLLTMFRELGSGKLPLQIEQFERGKTIFFPGDPAERVYLLVKGAVKLSRVYESGEEITVALLRENSVFGVLSLL
TGQRSDRFYHAVAFTPVQLFSVPIEFMQKALIERPELANVMLQGLSSRILQTEMMIETLAHRDMGSRLVSFLLILCRDFG
IPSPDGITIDLKLSHQAIAEAIGSTRVTVTRLLGDLRESKLIAIHKKRITVFNPVALSQQFS
;
D,F,A,B
2 'polydeoxyribonucleotide'
;(DC)(DA)(DT)(DT)(DT)(DT)(DT)(DA)(DT)(DG)(DT)(DA)(DT)(DC)(DA)(DG)(DC)(DT)(DG)(DA)
(DT)(DA)(DC)(DA)(DT)(DA)(DA)(DA)(DA)(DA)(DT)
;
G,I,C,K
3 'polypeptide(L)'
;MASENYLNHPTFGLLYQICSFGDSKELFATLYAQRLFFLVAFDARGTRFEPIGRNEARMLVDNRLRQLRRDASLQEYNQL
QQVFKQTFL
;
J,H,L,E
#
loop_
_chem_comp.id
_chem_comp.type
_chem_comp.name
_chem_comp.formula
AKG non-polymer '2-OXOGLUTARIC ACID' 'C5 H6 O5'
DA DNA linking 2'-DEOXYADENOSINE-5'-MONOPHOSPHATE 'C10 H14 N5 O6 P'
DC DNA linking 2'-DEOXYCYTIDINE-5'-MONOPHOSPHATE 'C9 H14 N3 O7 P'
DG DNA linking 2'-DEOXYGUANOSINE-5'-MONOPHOSPHATE 'C10 H14 N5 O7 P'
DT DNA linking THYMIDINE-5'-MONOPHOSPHATE 'C10 H15 N2 O8 P'
#
# COMPACT_ATOMS: atom_id res chain seq x y z
N SER A 7 -0.35 6.29 11.01
CA SER A 7 -0.33 7.75 10.65
C SER A 7 1.04 8.16 10.16
N LEU A 8 2.08 7.54 10.73
CA LEU A 8 3.47 7.74 10.27
C LEU A 8 3.56 7.41 8.79
N LEU A 9 2.76 6.42 8.38
CA LEU A 9 2.67 6.00 6.97
C LEU A 9 1.99 7.07 6.11
N THR A 10 1.02 7.76 6.71
CA THR A 10 0.20 8.77 6.03
C THR A 10 0.95 10.08 5.82
N MET A 11 1.68 10.50 6.86
CA MET A 11 2.39 11.77 6.88
C MET A 11 3.61 11.82 5.96
N PHE A 12 4.40 10.78 6.03
CA PHE A 12 5.60 10.69 5.21
C PHE A 12 5.25 10.81 3.74
N ARG A 13 4.06 10.31 3.39
CA ARG A 13 3.66 10.28 1.97
C ARG A 13 3.30 11.70 1.50
N GLU A 14 3.47 12.70 2.37
CA GLU A 14 3.03 14.06 2.01
C GLU A 14 4.21 15.03 2.07
N LEU A 15 5.44 14.53 1.93
CA LEU A 15 6.62 15.40 2.06
C LEU A 15 7.30 15.58 0.69
N GLY A 16 6.60 16.25 -0.25
CA GLY A 16 7.19 16.53 -1.57
C GLY A 16 6.97 17.93 -2.13
N LEU A 20 3.05 17.64 -3.37
CA LEU A 20 3.50 16.68 -4.42
C LEU A 20 3.83 15.35 -3.75
N PRO A 21 3.70 14.21 -4.47
CA PRO A 21 3.92 12.88 -3.87
C PRO A 21 5.38 12.53 -3.61
N LEU A 22 5.65 11.69 -2.60
CA LEU A 22 7.02 11.20 -2.35
C LEU A 22 7.12 9.75 -2.81
N GLN A 23 8.21 9.39 -3.48
CA GLN A 23 8.31 8.03 -4.01
C GLN A 23 8.85 7.01 -3.01
N ILE A 24 8.40 5.76 -3.16
CA ILE A 24 8.78 4.64 -2.30
C ILE A 24 10.00 3.88 -2.85
N GLU A 25 11.02 3.77 -2.02
CA GLU A 25 12.26 3.07 -2.41
C GLU A 25 12.11 1.55 -2.22
N GLN A 26 12.70 0.81 -3.14
CA GLN A 26 12.77 -0.64 -3.04
C GLN A 26 14.16 -1.06 -2.61
N PHE A 27 14.23 -2.02 -1.69
CA PHE A 27 15.52 -2.59 -1.28
C PHE A 27 15.48 -4.10 -1.22
N GLU A 28 16.38 -4.74 -1.96
CA GLU A 28 16.41 -6.20 -2.03
C GLU A 28 17.03 -6.78 -0.76
N ARG A 29 16.81 -8.08 -0.59
CA ARG A 29 17.31 -8.80 0.57
C ARG A 29 18.80 -8.60 0.74
N GLY A 30 19.21 -8.30 1.95
CA GLY A 30 20.62 -8.20 2.28
C GLY A 30 21.30 -6.96 1.72
N LYS A 31 20.60 -6.24 0.85
CA LYS A 31 21.15 -5.02 0.24
C LYS A 31 21.23 -3.92 1.30
N THR A 32 22.36 -3.26 1.36
CA THR A 32 22.58 -2.28 2.42
C THR A 32 22.03 -0.90 2.07
N ILE A 33 21.34 -0.28 3.03
CA ILE A 33 20.70 1.05 2.80
C ILE A 33 21.74 2.15 3.01
N PHE A 34 22.31 2.20 4.21
CA PHE A 34 23.40 3.18 4.48
C PHE A 34 24.57 2.42 5.12
N PHE A 35 25.79 2.92 4.95
CA PHE A 35 26.98 2.17 5.42
C PHE A 35 27.80 3.10 6.30
N PRO A 36 28.63 2.58 7.23
CA PRO A 36 29.32 3.46 8.15
C PRO A 36 30.23 4.38 7.32
N GLY A 37 30.28 5.66 7.70
CA GLY A 37 31.08 6.67 6.97
C GLY A 37 30.32 7.27 5.81
N ASP A 38 29.09 6.84 5.55
CA ASP A 38 28.29 7.56 4.51
C ASP A 38 27.70 8.80 5.19
N PRO A 39 27.63 9.97 4.54
CA PRO A 39 27.11 11.17 5.18
C PRO A 39 25.64 10.93 5.50
N ALA A 40 25.13 11.40 6.65
CA ALA A 40 23.69 11.19 6.88
C ALA A 40 22.93 12.43 6.44
N GLU A 41 22.24 12.34 5.30
CA GLU A 41 21.45 13.49 4.80
C GLU A 41 19.95 13.24 4.86
N ARG A 42 19.51 12.07 5.33
CA ARG A 42 18.06 11.78 5.22
C ARG A 42 17.43 11.13 6.45
N VAL A 43 16.12 11.30 6.63
CA VAL A 43 15.39 10.61 7.71
C VAL A 43 14.57 9.52 7.02
N TYR A 44 14.61 8.29 7.52
CA TYR A 44 13.93 7.20 6.77
C TYR A 44 12.75 6.60 7.53
N LEU A 45 11.81 6.00 6.80
CA LEU A 45 10.64 5.33 7.38
C LEU A 45 10.38 3.96 6.73
N LEU A 46 10.75 2.90 7.45
CA LEU A 46 10.56 1.52 6.99
C LEU A 46 9.08 1.21 7.02
N VAL A 47 8.52 0.85 5.87
CA VAL A 47 7.09 0.62 5.74
C VAL A 47 6.74 -0.85 5.77
N LYS A 48 7.52 -1.64 5.07
CA LYS A 48 7.28 -3.06 4.92
C LYS A 48 8.57 -3.86 5.03
N GLY A 49 8.53 -4.91 5.84
CA GLY A 49 9.71 -5.72 6.09
C GLY A 49 10.46 -5.40 7.37
N ALA A 50 11.78 -5.64 7.34
CA ALA A 50 12.68 -5.39 8.48
C ALA A 50 14.01 -4.78 8.05
N VAL A 51 14.62 -4.06 8.98
CA VAL A 51 15.91 -3.41 8.76
C VAL A 51 16.86 -3.62 9.93
N LYS A 52 18.04 -4.14 9.63
CA LYS A 52 19.05 -4.45 10.66
C LYS A 52 20.10 -3.36 10.82
N LEU A 53 20.04 -2.67 11.93
CA LEU A 53 21.08 -1.70 12.30
C LEU A 53 22.19 -2.42 13.04
N SER A 54 23.42 -2.22 12.60
CA SER A 54 24.56 -2.93 13.19
C SER A 54 25.82 -2.09 13.32
N ARG A 55 26.55 -2.37 14.38
CA ARG A 55 27.90 -1.83 14.58
C ARG A 55 28.89 -2.81 14.04
N VAL A 56 29.78 -2.32 13.17
CA VAL A 56 30.76 -3.21 12.54
C VAL A 56 32.18 -2.83 12.95
N TYR A 57 32.87 -3.75 13.61
CA TYR A 57 34.24 -3.53 14.00
C TYR A 57 35.16 -3.81 12.83
N GLU A 58 36.40 -3.33 12.93
CA GLU A 58 37.44 -3.62 11.91
C GLU A 58 37.83 -5.08 11.92
N SER A 59 37.69 -5.70 13.09
CA SER A 59 37.88 -7.16 13.21
C SER A 59 36.92 -7.92 12.30
N GLY A 60 35.83 -7.27 11.91
CA GLY A 60 34.80 -7.84 11.04
C GLY A 60 33.56 -8.36 11.78
N GLU A 61 33.69 -8.43 13.12
CA GLU A 61 32.59 -8.88 13.97
C GLU A 61 31.49 -7.83 13.95
N GLU A 62 30.28 -8.30 13.68
CA GLU A 62 29.12 -7.40 13.56
C GLU A 62 28.15 -7.57 14.71
N ILE A 63 27.78 -6.45 15.31
CA ILE A 63 26.89 -6.44 16.47
C ILE A 63 25.59 -5.71 16.17
N THR A 64 24.50 -6.49 16.19
CA THR A 64 23.17 -5.96 15.89
C THR A 64 22.67 -5.10 17.06
N VAL A 65 22.46 -3.81 16.76
CA VAL A 65 21.97 -2.83 17.75
C VAL A 65 20.46 -2.92 17.94
N ALA A 66 19.76 -3.01 16.82
CA ALA A 66 18.33 -3.24 16.86
C ALA A 66 17.80 -3.69 15.51
N LEU A 67 16.80 -4.54 15.56
CA LEU A 67 16.10 -5.04 14.38
C LEU A 67 14.71 -4.38 14.28
N LEU A 68 14.65 -3.34 13.47
CA LEU A 68 13.43 -2.52 13.32
C LEU A 68 12.30 -3.24 12.58
N ARG A 69 11.09 -2.87 12.96
CA ARG A 69 9.87 -3.45 12.40
C ARG A 69 9.16 -2.44 11.52
N GLU A 70 7.93 -2.78 11.18
CA GLU A 70 7.12 -1.95 10.30
C GLU A 70 6.71 -0.68 11.02
N ASN A 71 6.63 0.39 10.25
CA ASN A 71 6.28 1.72 10.76
C ASN A 71 7.25 2.24 11.79
N SER A 72 8.54 1.96 11.56
CA SER A 72 9.61 2.42 12.44
C SER A 72 10.40 3.54 11.79
N VAL A 73 10.78 4.51 12.62
CA VAL A 73 11.54 5.64 12.12
C VAL A 73 13.01 5.50 12.46
N PHE A 74 13.86 5.59 11.43
CA PHE A 74 15.32 5.47 11.63
C PHE A 74 16.05 6.68 11.05
N GLY A 75 17.37 6.63 10.93
CA GLY A 75 18.14 7.82 10.51
C GLY A 75 17.93 8.93 11.52
N VAL A 76 17.77 8.58 12.80
CA VAL A 76 17.53 9.57 13.90
C VAL A 76 18.74 10.49 14.05
N LEU A 77 19.93 10.03 13.67
CA LEU A 77 21.15 10.86 13.79
C LEU A 77 21.07 12.07 12.87
N SER A 78 20.46 11.93 11.71
CA SER A 78 20.49 13.05 10.73
C SER A 78 19.79 14.26 11.33
N LEU A 79 18.67 14.02 12.01
CA LEU A 79 17.90 15.15 12.57
C LEU A 79 18.84 16.06 13.37
N LEU A 80 19.60 15.50 14.30
CA LEU A 80 20.45 16.36 15.17
C LEU A 80 21.77 16.78 14.50
N THR A 81 22.45 15.83 13.85
CA THR A 81 23.77 16.07 13.20
C THR A 81 23.73 17.01 12.00
N GLY A 82 22.79 16.78 11.10
CA GLY A 82 22.80 17.53 9.83
C GLY A 82 23.54 16.68 8.82
N GLN A 83 23.59 17.09 7.56
CA GLN A 83 24.23 16.25 6.52
C GLN A 83 25.71 16.08 6.88
N ARG A 84 26.34 17.14 7.35
CA ARG A 84 27.80 17.12 7.66
C ARG A 84 28.25 15.82 8.32
N SER A 85 27.65 15.43 9.44
CA SER A 85 28.20 14.29 10.22
C SER A 85 28.11 12.98 9.42
N ASP A 86 28.70 11.89 9.93
CA ASP A 86 28.75 10.62 9.16
C ASP A 86 28.18 9.47 9.99
N ARG A 87 27.68 8.42 9.32
CA ARG A 87 27.03 7.27 10.02
C ARG A 87 28.04 6.45 10.82
N PHE A 88 27.60 5.82 11.91
CA PHE A 88 28.49 4.92 12.69
C PHE A 88 27.88 3.52 12.75
N TYR A 89 26.75 3.29 12.08
CA TYR A 89 26.05 2.02 12.13
C TYR A 89 25.81 1.51 10.73
N HIS A 90 25.51 0.23 10.66
CA HIS A 90 25.30 -0.44 9.38
C HIS A 90 23.83 -0.77 9.20
N ALA A 91 23.18 -0.02 8.33
CA ALA A 91 21.77 -0.18 8.06
C ALA A 91 21.54 -1.16 6.91
N VAL A 92 21.24 -2.40 7.24
CA VAL A 92 21.05 -3.46 6.24
C VAL A 92 19.60 -3.93 6.12
N ALA A 93 19.16 -4.17 4.90
CA ALA A 93 17.82 -4.71 4.68
C ALA A 93 17.80 -6.20 5.00
N PHE A 94 17.33 -6.54 6.19
CA PHE A 94 17.31 -7.94 6.66
C PHE A 94 16.34 -8.80 5.86
N THR A 95 15.28 -8.15 5.38
CA THR A 95 14.31 -8.77 4.49
C THR A 95 14.00 -7.84 3.33
N PRO A 96 13.25 -8.31 2.34
CA PRO A 96 12.81 -7.39 1.32
C PRO A 96 12.08 -6.26 2.00
N VAL A 97 12.44 -5.02 1.66
CA VAL A 97 11.92 -3.83 2.39
C VAL A 97 11.50 -2.69 1.47
N GLN A 98 10.42 -2.04 1.89
CA GLN A 98 9.93 -0.85 1.22
C GLN A 98 9.94 0.30 2.23
N LEU A 99 10.55 1.42 1.86
CA LEU A 99 10.76 2.54 2.79
C LEU A 99 10.68 3.89 2.11
N PHE A 100 10.48 4.92 2.94
CA PHE A 100 10.48 6.31 2.48
C PHE A 100 11.76 7.02 2.90
N SER A 101 12.04 8.13 2.24
CA SER A 101 13.29 8.86 2.47
C SER A 101 13.16 10.34 2.15
N VAL A 102 13.19 11.15 3.20
CA VAL A 102 13.09 12.63 3.04
C VAL A 102 14.39 13.27 3.52
N PRO A 103 14.97 14.22 2.78
CA PRO A 103 16.17 14.90 3.26
C PRO A 103 15.74 15.64 4.53
N ILE A 104 16.61 15.70 5.53
CA ILE A 104 16.23 16.31 6.83
C ILE A 104 15.90 17.78 6.59
N GLU A 105 16.67 18.44 5.73
CA GLU A 105 16.45 19.89 5.52
C GLU A 105 15.04 20.06 4.96
N PHE A 106 14.64 19.18 4.06
CA PHE A 106 13.26 19.25 3.50
C PHE A 106 12.30 18.68 4.56
N MET A 107 12.83 18.23 5.69
CA MET A 107 11.92 17.75 6.76
C MET A 107 11.74 18.87 7.81
N GLN A 108 12.83 19.55 8.18
CA GLN A 108 12.70 20.57 9.26
C GLN A 108 11.74 21.64 8.77
N LYS A 109 11.86 22.02 7.50
CA LYS A 109 10.92 23.00 6.91
C LYS A 109 9.53 22.39 6.96
N ALA A 110 9.44 21.08 6.71
CA ALA A 110 8.14 20.41 6.69
C ALA A 110 7.53 20.24 8.09
N LEU A 111 8.39 20.36 9.10
CA LEU A 111 7.94 20.22 10.50
C LEU A 111 7.20 21.46 10.98
N ILE A 112 7.73 22.61 10.61
CA ILE A 112 7.19 23.91 11.05
C ILE A 112 5.95 24.28 10.23
N GLU A 113 5.89 23.79 8.99
CA GLU A 113 4.72 24.05 8.14
C GLU A 113 3.53 23.24 8.66
N ARG A 114 3.79 22.00 9.11
CA ARG A 114 2.68 21.11 9.56
C ARG A 114 3.01 20.54 10.94
N PRO A 115 2.88 21.33 12.03
CA PRO A 115 3.25 20.85 13.37
C PRO A 115 2.46 19.60 13.80
N GLU A 116 1.38 19.31 13.07
CA GLU A 116 0.60 18.09 13.36
C GLU A 116 1.46 16.87 13.09
N LEU A 117 2.33 17.01 12.10
CA LEU A 117 3.26 15.95 11.73
C LEU A 117 4.40 15.88 12.76
N ALA A 118 4.74 17.04 13.30
CA ALA A 118 5.74 17.14 14.37
C ALA A 118 5.36 16.28 15.58
N ASN A 119 4.06 16.23 15.85
CA ASN A 119 3.52 15.41 16.95
C ASN A 119 3.61 13.92 16.65
N VAL A 120 3.23 13.57 15.42
CA VAL A 120 3.26 12.18 14.93
C VAL A 120 4.66 11.58 15.08
N MET A 121 5.65 12.39 14.72
CA MET A 121 7.07 11.96 14.74
C MET A 121 7.55 11.62 16.14
N LEU A 122 7.39 12.58 17.06
CA LEU A 122 7.78 12.40 18.46
C LEU A 122 7.32 11.04 19.01
N GLN A 123 6.09 10.67 18.67
CA GLN A 123 5.53 9.39 19.10
C GLN A 123 6.33 8.26 18.48
N GLY A 124 6.67 8.42 17.21
CA GLY A 124 7.44 7.42 16.48
C GLY A 124 8.80 7.16 17.12
N LEU A 125 9.50 8.25 17.45
CA LEU A 125 10.81 8.17 18.13
C LEU A 125 10.66 7.58 19.52
N SER A 126 9.54 7.87 20.15
CA SER A 126 9.29 7.35 21.49
C SER A 126 9.30 5.84 21.44
N SER A 127 8.53 5.30 20.50
CA SER A 127 8.43 3.83 20.31
C SER A 127 9.82 3.23 20.17
N ARG A 128 10.66 3.94 19.42
CA ARG A 128 12.03 3.51 19.19
C ARG A 128 12.77 3.41 20.51
N ILE A 129 12.70 4.47 21.30
CA ILE A 129 13.36 4.49 22.60
C ILE A 129 13.01 3.27 23.41
N LEU A 130 11.71 3.05 23.57
CA LEU A 130 11.20 1.93 24.36
C LEU A 130 11.62 0.59 23.76
N GLN A 131 11.48 0.48 22.44
CA GLN A 131 11.86 -0.76 21.78
C GLN A 131 13.35 -1.07 21.99
N THR A 132 14.16 -0.03 21.95
CA THR A 132 15.60 -0.16 22.16
C THR A 132 15.87 -0.41 23.62
N GLU A 133 14.99 0.08 24.45
CA GLU A 133 15.09 -0.16 25.89
C GLU A 133 14.69 -1.57 26.26
N MET A 134 13.71 -2.10 25.53
CA MET A 134 13.28 -3.49 25.74
C MET A 134 14.43 -4.44 25.47
N MET A 135 15.23 -4.02 24.51
CA MET A 135 16.39 -4.78 24.13
C MET A 135 17.38 -4.81 25.29
N ILE A 136 17.58 -3.67 25.92
CA ILE A 136 18.48 -3.56 27.06
C ILE A 136 18.12 -4.65 28.04
N GLU A 137 16.82 -4.77 28.31
CA GLU A 137 16.32 -5.79 29.23
C GLU A 137 16.84 -7.18 28.89
N THR A 138 16.60 -7.56 27.65
CA THR A 138 17.00 -8.85 27.13
C THR A 138 18.48 -9.14 27.41
N LEU A 139 19.34 -8.24 26.94
CA LEU A 139 20.80 -8.42 27.08
C LEU A 139 21.26 -8.27 28.51
N ALA A 140 20.40 -7.71 29.34
CA ALA A 140 20.73 -7.47 30.76
C ALA A 140 20.72 -8.75 31.58
N HIS A 141 20.26 -9.83 30.96
CA HIS A 141 20.26 -11.15 31.59
C HIS A 141 21.63 -11.77 31.62
N ARG A 142 21.87 -12.61 32.61
CA ARG A 142 23.12 -13.35 32.69
C ARG A 142 22.92 -14.70 32.03
N ASP A 143 21.76 -15.28 32.31
CA ASP A 143 21.41 -16.59 31.80
C ASP A 143 21.13 -16.52 30.33
N MET A 144 22.05 -17.06 29.53
CA MET A 144 21.90 -17.04 28.07
C MET A 144 20.57 -17.66 27.60
N GLY A 145 20.10 -18.60 28.40
CA GLY A 145 18.82 -19.23 28.11
C GLY A 145 17.70 -18.23 28.20
N SER A 146 17.68 -17.50 29.31
CA SER A 146 16.67 -16.45 29.55
C SER A 146 16.80 -15.35 28.52
N ARG A 147 18.03 -15.05 28.14
CA ARG A 147 18.35 -13.97 27.20
C ARG A 147 17.84 -14.30 25.80
N LEU A 148 18.08 -15.53 25.36
CA LEU A 148 17.60 -15.98 24.06
C LEU A 148 16.09 -15.87 23.97
N VAL A 149 15.42 -16.46 24.94
CA VAL A 149 13.96 -16.47 25.02
C VAL A 149 13.37 -15.05 25.01
N SER A 150 13.86 -14.23 25.94
CA SER A 150 13.46 -12.83 26.01
C SER A 150 13.51 -12.20 24.64
N PHE A 151 14.55 -12.53 23.89
CA PHE A 151 14.74 -12.00 22.55
C PHE A 151 13.69 -12.57 21.60
N LEU A 152 13.51 -13.87 21.67
CA LEU A 152 12.52 -14.53 20.83
C LEU A 152 11.11 -13.97 21.05
N LEU A 153 10.81 -13.67 22.30
CA LEU A 153 9.54 -13.03 22.64
C LEU A 153 9.35 -11.76 21.80
N ILE A 154 10.37 -10.92 21.84
CA ILE A 154 10.35 -9.64 21.12
C ILE A 154 10.11 -9.88 19.63
N LEU A 155 10.73 -10.93 19.12
CA LEU A 155 10.59 -11.29 17.70
C LEU A 155 9.17 -11.66 17.35
N CYS A 156 8.53 -12.35 18.28
CA CYS A 156 7.12 -12.72 18.14
C CYS A 156 6.27 -11.47 18.11
N ARG A 157 6.66 -10.52 18.93
CA ARG A 157 5.94 -9.26 19.04
C ARG A 157 6.00 -8.47 17.73
N ASP A 158 7.20 -8.32 17.19
CA ASP A 158 7.33 -7.45 16.02
C ASP A 158 7.05 -8.23 14.73
N PHE A 159 7.90 -9.21 14.41
CA PHE A 159 7.78 -9.92 13.13
C PHE A 159 6.85 -11.15 13.21
N GLY A 160 6.33 -11.48 14.38
CA GLY A 160 5.54 -12.73 14.50
C GLY A 160 4.23 -12.77 13.73
N ILE A 161 3.88 -13.92 13.15
CA ILE A 161 2.58 -14.11 12.45
C ILE A 161 1.84 -15.27 13.11
N PRO A 162 0.52 -15.15 13.41
CA PRO A 162 -0.19 -16.21 14.13
C PRO A 162 -0.13 -17.55 13.38
N SER A 163 0.26 -18.61 14.08
CA SER A 163 0.28 -19.96 13.48
C SER A 163 -0.43 -20.87 14.44
N PRO A 164 -1.06 -21.99 14.01
CA PRO A 164 -1.93 -22.74 14.91
C PRO A 164 -1.29 -23.26 16.20
N ASP A 165 -0.15 -23.92 16.10
CA ASP A 165 0.57 -24.37 17.31
C ASP A 165 1.04 -23.18 18.17
N GLY A 166 1.63 -22.17 17.52
CA GLY A 166 2.23 -21.03 18.24
C GLY A 166 2.51 -19.86 17.30
N ILE A 167 2.84 -18.67 17.83
CA ILE A 167 3.27 -17.56 16.94
C ILE A 167 4.56 -17.91 16.19
N THR A 168 4.60 -17.74 14.86
CA THR A 168 5.78 -18.00 14.03
C THR A 168 6.32 -16.65 13.59
N ILE A 169 7.61 -16.38 13.85
CA ILE A 169 8.14 -15.09 13.36
C ILE A 169 8.16 -15.16 11.83
N ASP A 170 7.68 -14.12 11.14
CA ASP A 170 7.75 -14.14 9.66
C ASP A 170 9.10 -13.55 9.22
N LEU A 171 10.21 -14.26 9.46
CA LEU A 171 11.51 -13.80 8.92
C LEU A 171 12.45 -15.00 8.81
N LYS A 172 13.49 -14.89 7.98
CA LYS A 172 14.48 -15.98 7.88
C LYS A 172 15.70 -15.60 8.72
N LEU A 173 15.97 -16.35 9.79
CA LEU A 173 17.04 -15.99 10.71
C LEU A 173 18.11 -17.06 10.83
N SER A 174 19.33 -16.69 10.46
CA SER A 174 20.49 -17.57 10.62
C SER A 174 20.94 -17.55 12.07
N HIS A 175 21.53 -18.65 12.50
CA HIS A 175 21.99 -18.79 13.87
C HIS A 175 22.96 -17.69 14.21
N GLN A 176 23.79 -17.31 13.23
CA GLN A 176 24.77 -16.24 13.44
C GLN A 176 24.05 -14.91 13.60
N ALA A 177 23.13 -14.64 12.68
CA ALA A 177 22.35 -13.38 12.70
C ALA A 177 21.73 -13.15 14.06
N ILE A 178 21.29 -14.25 14.66
CA ILE A 178 20.74 -14.25 16.00
C ILE A 178 21.84 -14.02 17.03
N ALA A 179 22.89 -14.83 16.95
CA ALA A 179 23.99 -14.75 17.91
C ALA A 179 24.52 -13.34 17.96
N GLU A 180 24.48 -12.64 16.82
CA GLU A 180 24.96 -11.26 16.73
C GLU A 180 24.04 -10.30 17.44
N ALA A 181 22.80 -10.73 17.67
CA ALA A 181 21.76 -9.88 18.26
C ALA A 181 21.70 -9.92 19.80
N ILE A 182 22.01 -11.07 20.39
CA ILE A 182 21.94 -11.26 21.85
C ILE A 182 23.32 -11.34 22.53
N GLY A 183 24.35 -11.03 21.74
CA GLY A 183 25.73 -10.91 22.25
C GLY A 183 26.39 -12.23 22.63
N SER A 184 26.37 -13.16 21.68
CA SER A 184 26.93 -14.50 21.90
C SER A 184 27.44 -15.11 20.61
N THR A 185 27.94 -16.34 20.72
CA THR A 185 28.47 -17.05 19.55
C THR A 185 27.38 -17.89 18.87
N ARG A 186 27.62 -18.23 17.61
CA ARG A 186 26.67 -19.04 16.82
C ARG A 186 26.55 -20.46 17.38
N VAL A 187 27.65 -20.96 17.89
CA VAL A 187 27.68 -22.29 18.48
C VAL A 187 26.68 -22.39 19.62
N THR A 188 26.74 -21.41 20.52
CA THR A 188 25.90 -21.37 21.74
C THR A 188 24.43 -21.20 21.34
N VAL A 189 24.20 -20.54 20.20
CA VAL A 189 22.85 -20.36 19.66
C VAL A 189 22.24 -21.70 19.25
N THR A 190 22.95 -22.44 18.41
CA THR A 190 22.49 -23.76 18.00
C THR A 190 22.33 -24.67 19.21
N ARG A 191 23.28 -24.55 20.11
CA ARG A 191 23.32 -25.35 21.33
C ARG A 191 22.05 -25.15 22.14
N LEU A 192 21.78 -23.89 22.44
CA LEU A 192 20.62 -23.53 23.26
C LEU A 192 19.31 -23.83 22.56
N LEU A 193 19.25 -23.54 21.28
CA LEU A 193 18.04 -23.78 20.49
C LEU A 193 17.63 -25.23 20.55
N GLY A 194 18.61 -26.10 20.44
CA GLY A 194 18.38 -27.53 20.56
C GLY A 194 17.75 -27.87 21.90
N ASP A 195 18.19 -27.18 22.94
CA ASP A 195 17.69 -27.45 24.29
C ASP A 195 16.21 -27.07 24.37
N LEU A 196 15.86 -26.01 23.65
CA LEU A 196 14.47 -25.51 23.65
C LEU A 196 13.61 -26.34 22.69
N ARG A 197 14.26 -27.13 21.85
CA ARG A 197 13.58 -28.04 20.93
C ARG A 197 13.07 -29.27 21.65
N GLU A 198 13.92 -29.80 22.53
CA GLU A 198 13.62 -31.02 23.32
C GLU A 198 12.69 -30.71 24.48
N SER A 199 12.86 -29.53 25.05
CA SER A 199 11.93 -29.02 26.06
C SER A 199 10.57 -28.70 25.41
N LYS A 200 10.55 -28.80 24.08
CA LYS A 200 9.37 -28.58 23.24
C LYS A 200 8.68 -27.26 23.56
N LEU A 201 9.45 -26.18 23.50
CA LEU A 201 8.92 -24.81 23.69
C LEU A 201 8.92 -24.04 22.36
N ILE A 202 9.75 -24.53 21.44
CA ILE A 202 9.86 -23.99 20.07
C ILE A 202 9.88 -25.07 19.00
N ALA A 203 9.88 -24.62 17.74
CA ALA A 203 9.88 -25.53 16.58
C ALA A 203 10.34 -24.80 15.32
N ILE A 204 11.17 -25.46 14.52
CA ILE A 204 11.76 -24.84 13.32
C ILE A 204 11.48 -25.64 12.07
N HIS A 205 10.62 -25.10 11.23
CA HIS A 205 10.27 -25.78 9.98
C HIS A 205 10.26 -24.82 8.83
N LYS A 206 10.89 -25.24 7.73
CA LYS A 206 11.10 -24.36 6.56
C LYS A 206 11.98 -23.17 6.96
N LYS A 207 12.96 -23.41 7.82
CA LYS A 207 13.91 -22.36 8.26
C LYS A 207 13.18 -21.20 8.94
N ARG A 208 11.98 -21.44 9.48
CA ARG A 208 11.24 -20.39 10.22
C ARG A 208 10.95 -20.85 11.66
N ILE A 209 11.20 -20.00 12.66
CA ILE A 209 11.03 -20.35 14.09
C ILE A 209 9.57 -20.24 14.53
N THR A 210 9.16 -21.01 15.55
CA THR A 210 7.81 -20.95 16.11
C THR A 210 7.80 -21.27 17.60
N VAL A 211 7.36 -20.29 18.39
CA VAL A 211 7.22 -20.48 19.82
C VAL A 211 5.83 -21.00 20.17
N PHE A 212 5.77 -21.73 21.27
CA PHE A 212 4.52 -22.32 21.71
C PHE A 212 3.97 -21.60 22.94
N ASN A 213 2.76 -21.08 22.81
CA ASN A 213 2.18 -20.22 23.85
C ASN A 213 3.18 -19.21 24.40
N PRO A 214 3.50 -18.12 23.65
CA PRO A 214 4.52 -17.19 24.11
C PRO A 214 4.12 -16.51 25.41
N VAL A 215 2.80 -16.44 25.67
CA VAL A 215 2.33 -15.70 26.86
C VAL A 215 2.89 -16.37 28.10
N ALA A 216 2.90 -17.71 28.14
CA ALA A 216 3.37 -18.44 29.32
C ALA A 216 4.83 -18.08 29.59
N LEU A 217 5.61 -18.01 28.51
CA LEU A 217 7.04 -17.66 28.62
C LEU A 217 7.12 -16.24 29.20
N SER A 218 6.22 -15.36 28.77
CA SER A 218 6.26 -13.96 29.22
C SER A 218 6.05 -13.92 30.74
N GLN A 219 5.15 -14.77 31.26
CA GLN A 219 4.85 -14.76 32.70
C GLN A 219 6.11 -15.11 33.50
N GLN A 220 6.90 -16.09 33.04
CA GLN A 220 8.17 -16.44 33.74
C GLN A 220 9.00 -15.17 33.96
N PHE A 221 8.89 -14.22 33.04
CA PHE A 221 9.69 -12.97 33.14
C PHE A 221 8.89 -11.82 33.77
N SER A 222 8.40 -12.09 34.97
CA SER A 222 7.79 -11.06 35.80
C SER A 222 8.57 -10.94 37.11
N ASN B 6 21.12 23.96 25.29
CA ASN B 6 20.41 24.60 26.42
C ASN B 6 19.00 25.02 25.95
N SER B 7 18.72 24.95 24.64
CA SER B 7 17.38 25.29 24.16
C SER B 7 16.35 24.47 24.93
N LEU B 8 16.57 23.16 25.02
CA LEU B 8 15.68 22.31 25.78
C LEU B 8 15.40 22.94 27.12
N LEU B 9 16.48 23.45 27.73
CA LEU B 9 16.41 24.06 29.06
C LEU B 9 15.68 25.39 29.00
N THR B 10 15.83 26.06 27.88
CA THR B 10 15.21 27.38 27.64
C THR B 10 13.72 27.26 27.37
N MET B 11 13.35 26.27 26.56
CA MET B 11 11.95 26.07 26.14
C MET B 11 11.07 25.52 27.27
N PHE B 12 11.60 24.53 27.99
CA PHE B 12 10.86 23.93 29.13
C PHE B 12 10.51 24.96 30.21
N ARG B 13 11.38 25.96 30.33
CA ARG B 13 11.21 26.98 31.35
C ARG B 13 9.91 27.78 31.15
N GLU B 14 9.44 27.81 29.91
CA GLU B 14 8.31 28.68 29.53
C GLU B 14 6.99 27.92 29.39
N LEU B 15 6.88 26.83 30.12
CA LEU B 15 5.65 26.02 30.11
C LEU B 15 4.92 26.08 31.48
N LEU B 20 2.89 32.55 32.17
CA LEU B 20 3.62 32.27 33.42
C LEU B 20 4.85 31.37 33.16
N PRO B 21 5.79 31.35 34.13
CA PRO B 21 6.92 30.44 34.12
C PRO B 21 6.60 29.11 34.82
N LEU B 22 7.58 28.21 34.82
CA LEU B 22 7.46 26.91 35.51
C LEU B 22 8.57 26.74 36.52
N GLN B 23 8.17 26.30 37.73
CA GLN B 23 9.14 26.05 38.80
C GLN B 23 9.76 24.65 38.75
N ILE B 24 11.00 24.59 39.18
CA ILE B 24 11.81 23.37 39.07
C ILE B 24 11.54 22.44 40.25
N GLU B 25 11.48 21.16 39.95
CA GLU B 25 11.27 20.12 40.98
C GLU B 25 12.57 19.66 41.61
N GLN B 26 12.58 19.40 42.91
CA GLN B 26 13.80 18.89 43.54
C GLN B 26 13.58 17.45 44.00
N PHE B 27 14.50 16.54 43.65
CA PHE B 27 14.39 15.16 44.15
C PHE B 27 15.61 14.83 45.01
N GLU B 28 15.39 14.38 46.25
CA GLU B 28 16.48 14.00 47.16
C GLU B 28 17.07 12.67 46.68
N ARG B 29 18.32 12.40 47.09
CA ARG B 29 19.01 11.16 46.65
C ARG B 29 18.15 9.95 47.00
N GLY B 30 18.05 9.00 46.08
CA GLY B 30 17.29 7.78 46.38
C GLY B 30 15.79 7.97 46.25
N LYS B 31 15.31 9.21 46.20
CA LYS B 31 13.85 9.37 46.18
C LYS B 31 13.28 9.14 44.78
N THR B 32 12.20 8.39 44.74
CA THR B 32 11.67 7.94 43.46
C THR B 32 10.79 8.96 42.80
N ILE B 33 10.97 9.08 41.50
CA ILE B 33 10.19 10.01 40.69
C ILE B 33 8.87 9.39 40.35
N PHE B 34 8.93 8.28 39.60
CA PHE B 34 7.73 7.47 39.34
C PHE B 34 8.01 5.97 39.46
N PHE B 35 7.02 5.23 39.95
CA PHE B 35 7.10 3.79 40.08
C PHE B 35 6.38 3.11 38.93
N PRO B 36 6.53 1.79 38.81
CA PRO B 36 5.73 1.04 37.85
C PRO B 36 4.28 1.01 38.24
N GLY B 37 3.40 1.15 37.25
CA GLY B 37 1.97 1.12 37.50
C GLY B 37 1.31 2.49 37.48
N ASP B 38 2.14 3.53 37.60
CA ASP B 38 1.69 4.91 37.66
C ASP B 38 1.09 5.30 36.36
N PRO B 39 0.13 6.23 36.39
CA PRO B 39 -0.36 6.75 35.14
C PRO B 39 0.69 7.65 34.51
N ALA B 40 1.21 7.21 33.37
CA ALA B 40 2.23 7.95 32.64
C ALA B 40 1.58 9.16 31.99
N GLU B 41 1.53 10.25 32.75
CA GLU B 41 0.83 11.46 32.28
C GLU B 41 1.73 12.68 32.14
N ARG B 42 3.03 12.48 32.26
CA ARG B 42 3.97 13.59 32.18
C ARG B 42 5.25 13.32 31.38
N VAL B 43 5.83 14.40 30.84
CA VAL B 43 7.16 14.35 30.18
C VAL B 43 8.16 15.18 30.97
N TYR B 44 9.27 14.57 31.27
CA TYR B 44 10.26 15.20 32.13
C TYR B 44 11.48 15.70 31.36
N LEU B 45 12.26 16.60 31.97
CA LEU B 45 13.53 17.03 31.36
C LEU B 45 14.55 17.20 32.48
N LEU B 46 15.46 16.24 32.67
CA LEU B 46 16.37 16.37 33.82
C LEU B 46 17.21 17.62 33.55
N VAL B 47 17.37 18.50 34.54
CA VAL B 47 18.23 19.69 34.35
C VAL B 47 19.63 19.43 34.89
N LYS B 48 19.72 18.82 36.08
CA LYS B 48 21.03 18.54 36.71
C LYS B 48 20.90 17.25 37.53
N GLY B 49 22.03 16.56 37.76
CA GLY B 49 22.01 15.29 38.52
C GLY B 49 21.69 14.10 37.63
N ALA B 50 21.55 12.90 38.21
CA ALA B 50 21.35 11.68 37.41
C ALA B 50 20.03 10.97 37.76
N VAL B 51 19.35 10.41 36.75
CA VAL B 51 18.08 9.69 36.93
C VAL B 51 18.22 8.25 36.48
N LYS B 52 18.06 7.29 37.39
CA LYS B 52 18.17 5.86 37.07
C LYS B 52 16.83 5.24 36.69
N LEU B 53 16.70 4.95 35.40
CA LEU B 53 15.54 4.20 34.90
C LEU B 53 15.82 2.72 35.02
N SER B 54 14.90 1.99 35.63
CA SER B 54 15.13 0.59 35.90
C SER B 54 13.90 -0.27 35.78
N ARG B 55 14.13 -1.49 35.33
CA ARG B 55 13.14 -2.55 35.34
C ARG B 55 13.30 -3.34 36.61
N VAL B 56 12.17 -3.69 37.20
CA VAL B 56 12.17 -4.46 38.45
C VAL B 56 11.27 -5.66 38.36
N TYR B 57 11.86 -6.84 38.53
CA TYR B 57 11.11 -8.11 38.44
C TYR B 57 10.39 -8.43 39.74
N GLU B 58 9.42 -9.35 39.67
CA GLU B 58 8.72 -9.81 40.87
C GLU B 58 9.73 -10.43 41.83
N SER B 59 10.75 -11.07 41.27
CA SER B 59 11.82 -11.63 42.07
C SER B 59 12.48 -10.55 42.94
N GLY B 60 12.22 -9.29 42.58
CA GLY B 60 12.73 -8.14 43.33
C GLY B 60 14.01 -7.52 42.75
N GLU B 61 14.58 -8.22 41.76
CA GLU B 61 15.82 -7.78 41.12
C GLU B 61 15.61 -6.57 40.18
N GLU B 62 16.65 -5.77 40.06
CA GLU B 62 16.64 -4.55 39.21
C GLU B 62 17.59 -4.59 38.02
N ILE B 63 17.07 -4.18 36.88
CA ILE B 63 17.86 -4.02 35.68
C ILE B 63 17.86 -2.56 35.22
N THR B 64 19.02 -1.92 35.29
CA THR B 64 19.17 -0.54 34.85
C THR B 64 19.13 -0.42 33.32
N VAL B 65 18.09 0.24 32.84
CA VAL B 65 17.89 0.42 31.40
C VAL B 65 18.78 1.50 30.82
N ALA B 66 18.73 2.66 31.45
CA ALA B 66 19.51 3.82 31.06
C ALA B 66 19.77 4.70 32.27
N LEU B 67 20.99 5.17 32.41
CA LEU B 67 21.33 6.15 33.46
C LEU B 67 21.49 7.55 32.83
N LEU B 68 20.40 8.34 32.91
CA LEU B 68 20.32 9.64 32.22
C LEU B 68 21.33 10.69 32.65
N ARG B 69 21.49 11.72 31.83
CA ARG B 69 22.44 12.82 32.13
C ARG B 69 21.67 14.15 32.03
N GLU B 70 22.33 15.27 32.34
CA GLU B 70 21.65 16.58 32.36
C GLU B 70 21.21 16.98 30.95
N ASN B 71 20.08 17.68 30.85
CA ASN B 71 19.45 18.00 29.53
C ASN B 71 19.08 16.70 28.80
N SER B 72 18.60 15.69 29.54
CA SER B 72 18.09 14.46 28.93
C SER B 72 16.58 14.36 29.11
N VAL B 73 15.82 14.11 28.03
CA VAL B 73 14.35 14.04 28.09
C VAL B 73 13.88 12.62 28.36
N PHE B 74 12.99 12.44 29.34
CA PHE B 74 12.43 11.13 29.68
C PHE B 74 10.99 11.15 30.09
N GLY B 75 10.42 9.98 30.30
CA GLY B 75 8.99 9.85 30.54
C GLY B 75 8.25 9.74 29.22
N VAL B 76 8.98 9.21 28.25
CA VAL B 76 8.59 9.21 26.83
C VAL B 76 7.27 8.48 26.56
N LEU B 77 6.90 7.55 27.45
CA LEU B 77 5.69 6.75 27.23
C LEU B 77 4.45 7.61 27.13
N SER B 78 4.49 8.76 27.78
CA SER B 78 3.31 9.63 27.87
C SER B 78 2.96 10.26 26.53
N LEU B 79 3.93 10.33 25.62
CA LEU B 79 3.69 10.93 24.31
C LEU B 79 2.94 9.99 23.38
N LEU B 80 2.99 8.70 23.72
CA LEU B 80 2.36 7.68 22.89
C LEU B 80 0.88 7.52 23.24
N THR B 81 0.64 7.08 24.47
CA THR B 81 -0.70 6.73 24.91
C THR B 81 -1.35 7.83 25.75
N GLY B 82 -0.51 8.54 26.49
CA GLY B 82 -0.97 9.59 27.39
C GLY B 82 -1.20 9.11 28.80
N GLN B 83 -2.03 9.87 29.50
CA GLN B 83 -2.31 9.60 30.90
C GLN B 83 -3.13 8.35 31.07
N ARG B 84 -3.39 7.62 29.98
CA ARG B 84 -4.26 6.44 30.02
C ARG B 84 -3.52 5.18 30.48
N SER B 85 -2.28 5.03 29.99
CA SER B 85 -1.45 3.84 30.25
C SER B 85 -0.55 3.99 31.46
N ASP B 86 -0.11 2.85 31.96
CA ASP B 86 0.66 2.81 33.20
C ASP B 86 2.14 2.48 32.98
N ARG B 87 2.97 3.06 33.85
CA ARG B 87 4.41 2.87 33.77
C ARG B 87 4.79 1.42 33.97
N PHE B 88 6.05 1.13 33.63
CA PHE B 88 6.63 -0.21 33.90
C PHE B 88 8.10 -0.17 34.26
N TYR B 89 8.66 1.03 34.17
CA TYR B 89 10.05 1.24 34.59
C TYR B 89 10.09 1.97 35.92
N HIS B 90 11.24 1.90 36.56
CA HIS B 90 11.43 2.51 37.88
C HIS B 90 12.34 3.71 37.75
N ALA B 91 11.76 4.92 37.80
CA ALA B 91 12.54 6.15 37.67
C ALA B 91 13.02 6.68 39.02
N VAL B 92 14.29 6.46 39.33
CA VAL B 92 14.86 6.89 40.63
C VAL B 92 15.85 8.01 40.47
N ALA B 93 15.86 8.94 41.43
CA ALA B 93 16.86 10.02 41.42
C ALA B 93 18.17 9.47 41.99
N PHE B 94 19.07 8.97 41.15
CA PHE B 94 20.30 8.31 41.64
C PHE B 94 21.21 9.32 42.35
N THR B 95 21.10 10.59 41.98
CA THR B 95 21.93 11.68 42.56
C THR B 95 21.00 12.84 42.89
N PRO B 96 21.37 13.81 43.74
CA PRO B 96 20.44 14.88 44.03
C PRO B 96 20.16 15.45 42.64
N VAL B 97 18.90 15.69 42.31
CA VAL B 97 18.54 16.06 40.92
C VAL B 97 17.60 17.25 40.84
N GLN B 98 17.69 18.03 39.77
CA GLN B 98 16.73 19.12 39.53
C GLN B 98 16.15 18.87 38.14
N LEU B 99 14.83 18.92 38.00
CA LEU B 99 14.20 18.70 36.70
C LEU B 99 12.87 19.39 36.56
N PHE B 100 12.36 19.36 35.35
CA PHE B 100 11.04 19.91 35.05
C PHE B 100 10.03 18.82 34.78
N SER B 101 8.75 19.21 34.74
CA SER B 101 7.67 18.26 34.52
C SER B 101 6.45 18.92 33.92
N VAL B 102 6.26 18.73 32.62
CA VAL B 102 5.11 19.26 31.92
C VAL B 102 4.13 18.17 31.48
N PRO B 103 2.84 18.34 31.79
CA PRO B 103 1.81 17.36 31.41
C PRO B 103 1.75 17.22 29.92
N ILE B 104 1.56 16.00 29.45
CA ILE B 104 1.62 15.72 28.03
C ILE B 104 0.65 16.62 27.25
N GLU B 105 -0.57 16.73 27.76
CA GLU B 105 -1.60 17.53 27.12
C GLU B 105 -1.14 18.99 26.98
N PHE B 106 -0.68 19.59 28.08
CA PHE B 106 -0.23 21.00 28.03
C PHE B 106 0.89 21.08 26.99
N MET B 107 1.57 19.97 26.76
CA MET B 107 2.68 19.90 25.80
C MET B 107 2.16 19.83 24.36
N GLN B 108 1.29 18.86 24.12
CA GLN B 108 0.80 18.54 22.76
C GLN B 108 0.33 19.79 22.05
N LYS B 109 -0.30 20.67 22.82
CA LYS B 109 -0.80 21.95 22.28
C LYS B 109 0.33 22.95 22.08
N ALA B 110 1.25 22.97 23.04
CA ALA B 110 2.38 23.91 23.02
C ALA B 110 3.37 23.60 21.89
N LEU B 111 3.29 22.39 21.37
CA LEU B 111 4.17 21.96 20.27
C LEU B 111 3.75 22.60 18.95
N ILE B 112 2.44 22.71 18.76
CA ILE B 112 1.83 23.28 17.55
C ILE B 112 1.92 24.80 17.53
N GLU B 113 1.83 25.35 18.73
CA GLU B 113 1.88 26.81 18.90
C GLU B 113 3.27 27.35 18.59
N ARG B 114 4.28 26.70 19.16
CA ARG B 114 5.69 27.07 18.98
C ARG B 114 6.46 26.00 18.21
N PRO B 115 6.58 26.13 16.87
CA PRO B 115 7.27 25.15 16.02
C PRO B 115 8.78 25.10 16.20
N GLU B 116 9.27 26.02 17.01
CA GLU B 116 10.69 26.10 17.37
C GLU B 116 11.02 25.06 18.42
N LEU B 117 10.02 24.83 19.27
CA LEU B 117 10.11 23.89 20.37
C LEU B 117 9.95 22.45 19.87
N ALA B 118 9.14 22.28 18.82
CA ALA B 118 8.89 20.93 18.27
C ALA B 118 10.19 20.23 17.87
N ASN B 119 11.06 21.01 17.23
CA ASN B 119 12.34 20.49 16.79
C ASN B 119 13.28 20.21 17.96
N VAL B 120 13.29 21.14 18.91
CA VAL B 120 14.13 21.01 20.14
C VAL B 120 13.87 19.66 20.81
N MET B 121 12.61 19.24 20.80
CA MET B 121 12.21 17.96 21.45
C MET B 121 12.70 16.79 20.60
N LEU B 122 12.56 16.89 19.28
CA LEU B 122 12.92 15.75 18.41
C LEU B 122 14.42 15.47 18.58
N GLN B 123 15.22 16.53 18.66
CA GLN B 123 16.69 16.36 18.81
C GLN B 123 16.97 15.65 20.14
N GLY B 124 16.26 16.04 21.21
CA GLY B 124 16.54 15.46 22.54
C GLY B 124 16.19 13.99 22.60
N LEU B 125 15.04 13.62 22.04
CA LEU B 125 14.66 12.18 22.00
C LEU B 125 15.67 11.43 21.12
N SER B 126 16.16 12.07 20.06
CA SER B 126 17.10 11.40 19.14
C SER B 126 18.38 11.05 19.90
N SER B 127 18.85 11.95 20.75
CA SER B 127 20.05 11.65 21.56
C SER B 127 19.75 10.41 22.39
N ARG B 128 18.61 10.40 23.07
CA ARG B 128 18.30 9.24 23.92
C ARG B 128 18.35 7.98 23.05
N ILE B 129 17.82 8.01 21.82
CA ILE B 129 17.81 6.77 21.04
C ILE B 129 19.25 6.34 20.80
N LEU B 130 20.11 7.31 20.44
CA LEU B 130 21.53 7.01 20.21
C LEU B 130 22.18 6.56 21.52
N GLN B 131 21.84 7.22 22.63
CA GLN B 131 22.46 6.88 23.93
C GLN B 131 22.04 5.47 24.28
N THR B 132 20.72 5.22 24.28
CA THR B 132 20.18 3.88 24.57
C THR B 132 20.80 2.82 23.62
N GLU B 133 21.09 3.24 22.41
CA GLU B 133 21.70 2.34 21.43
C GLU B 133 23.16 2.11 21.74
N MET B 134 23.80 3.14 22.25
CA MET B 134 25.21 3.03 22.63
C MET B 134 25.36 2.06 23.79
N MET B 135 24.29 1.93 24.59
CA MET B 135 24.27 0.99 25.69
C MET B 135 24.23 -0.43 25.16
N ILE B 136 23.39 -0.62 24.15
CA ILE B 136 23.28 -1.93 23.50
C ILE B 136 24.67 -2.44 23.17
N GLU B 137 25.47 -1.62 22.50
CA GLU B 137 26.84 -1.97 22.09
C GLU B 137 27.62 -2.50 23.26
N THR B 138 27.59 -1.74 24.35
CA THR B 138 28.29 -2.10 25.58
C THR B 138 27.94 -3.49 26.05
N LEU B 139 26.65 -3.71 26.33
CA LEU B 139 26.16 -4.99 26.83
C LEU B 139 26.30 -6.10 25.82
N ALA B 140 26.46 -5.72 24.56
CA ALA B 140 26.52 -6.69 23.47
C ALA B 140 27.87 -7.38 23.40
N HIS B 141 28.79 -6.94 24.26
CA HIS B 141 30.11 -7.55 24.34
C HIS B 141 29.98 -8.86 25.04
N ARG B 142 30.87 -9.77 24.71
CA ARG B 142 30.89 -11.05 25.38
C ARG B 142 31.83 -10.91 26.58
N ASP B 143 32.95 -10.23 26.34
CA ASP B 143 33.97 -10.09 27.36
C ASP B 143 33.57 -9.08 28.41
N MET B 144 33.34 -9.55 29.63
CA MET B 144 32.92 -8.67 30.74
C MET B 144 33.92 -7.55 31.02
N GLY B 145 35.17 -7.82 30.67
CA GLY B 145 36.21 -6.80 30.79
C GLY B 145 35.96 -5.64 29.85
N SER B 146 35.79 -5.98 28.57
CA SER B 146 35.51 -5.00 27.52
C SER B 146 34.21 -4.30 27.82
N ARG B 147 33.27 -5.04 28.37
CA ARG B 147 31.92 -4.54 28.65
C ARG B 147 31.94 -3.50 29.75
N LEU B 148 32.66 -3.79 30.81
CA LEU B 148 32.78 -2.87 31.94
C LEU B 148 33.36 -1.56 31.46
N VAL B 149 34.48 -1.66 30.76
CA VAL B 149 35.19 -0.48 30.26
C VAL B 149 34.33 0.34 29.34
N SER B 150 33.73 -0.31 28.35
CA SER B 150 32.80 0.32 27.41
C SER B 150 31.79 1.15 28.16
N PHE B 151 31.38 0.62 29.29
CA PHE B 151 30.43 1.30 30.16
C PHE B 151 31.08 2.50 30.86
N LEU B 152 32.23 2.27 31.45
CA LEU B 152 32.97 3.33 32.13
C LEU B 152 33.28 4.50 31.20
N LEU B 153 33.58 4.19 29.95
CA LEU B 153 33.77 5.21 28.90
C LEU B 153 32.55 6.12 28.82
N ILE B 154 31.37 5.52 28.72
CA ILE B 154 30.12 6.30 28.60
C ILE B 154 29.96 7.17 29.85
N LEU B 155 30.29 6.64 31.03
CA LEU B 155 30.07 7.45 32.24
C LEU B 155 30.96 8.69 32.17
N CYS B 156 32.20 8.52 31.73
CA CYS B 156 33.11 9.69 31.58
C CYS B 156 32.47 10.67 30.60
N ARG B 157 31.86 10.14 29.53
CA ARG B 157 31.24 11.02 28.50
C ARG B 157 30.12 11.82 29.15
N ASP B 158 29.33 11.19 30.02
CA ASP B 158 28.13 11.89 30.57
C ASP B 158 28.50 12.65 31.85
N PHE B 159 28.85 11.96 32.93
CA PHE B 159 29.10 12.63 34.22
C PHE B 159 30.58 13.00 34.46
N GLY B 160 31.48 12.70 33.54
CA GLY B 160 32.91 12.92 33.78
C GLY B 160 33.36 14.37 33.91
N ILE B 161 34.35 14.64 34.78
CA ILE B 161 34.96 15.95 34.98
C ILE B 161 36.47 15.84 34.82
N PRO B 162 37.14 16.92 34.36
CA PRO B 162 38.59 16.89 34.23
C PRO B 162 39.30 16.76 35.58
N SER B 163 40.14 15.75 35.72
CA SER B 163 41.00 15.58 36.92
C SER B 163 42.39 15.41 36.38
N PRO B 164 43.46 15.86 37.07
CA PRO B 164 44.77 15.91 36.42
C PRO B 164 45.34 14.58 35.91
N ASP B 165 45.33 13.54 36.73
CA ASP B 165 45.78 12.22 36.23
C ASP B 165 44.82 11.71 35.15
N GLY B 166 43.52 11.85 35.36
CA GLY B 166 42.52 11.29 34.43
C GLY B 166 41.12 11.90 34.59
N ILE B 167 40.19 11.61 33.68
CA ILE B 167 38.78 12.05 33.88
C ILE B 167 38.11 11.27 35.04
N THR B 168 37.63 11.95 36.08
CA THR B 168 36.91 11.35 37.22
C THR B 168 35.42 11.52 36.94
N ILE B 169 34.67 10.42 36.87
CA ILE B 169 33.22 10.63 36.68
C ILE B 169 32.72 11.30 37.97
N ASP B 170 31.91 12.38 37.87
CA ASP B 170 31.49 13.00 39.14
C ASP B 170 30.23 12.32 39.64
N LEU B 171 30.34 11.07 40.08
CA LEU B 171 29.18 10.35 40.65
C LEU B 171 29.73 9.30 41.60
N LYS B 172 28.92 8.79 42.54
CA LYS B 172 29.41 7.71 43.39
C LYS B 172 28.67 6.43 42.99
N LEU B 173 29.41 5.37 42.66
CA LEU B 173 28.77 4.15 42.16
C LEU B 173 28.99 2.99 43.12
N SER B 174 27.90 2.34 43.55
CA SER B 174 28.03 1.17 44.43
C SER B 174 28.22 -0.05 43.54
N HIS B 175 29.14 -0.93 43.90
CA HIS B 175 29.45 -2.06 43.03
C HIS B 175 28.22 -2.68 42.46
N GLN B 176 27.20 -2.82 43.30
CA GLN B 176 25.93 -3.41 42.87
C GLN B 176 25.30 -2.56 41.79
N ALA B 177 25.27 -1.26 42.08
CA ALA B 177 24.66 -0.30 41.17
C ALA B 177 25.23 -0.47 39.78
N ILE B 178 26.53 -0.80 39.75
CA ILE B 178 27.24 -1.07 38.48
C ILE B 178 26.82 -2.41 37.92
N ALA B 179 26.84 -3.41 38.79
CA ALA B 179 26.47 -4.77 38.43
C ALA B 179 25.10 -4.80 37.79
N GLU B 180 24.22 -3.93 38.28
CA GLU B 180 22.84 -3.87 37.79
C GLU B 180 22.77 -3.27 36.40
N ALA B 181 23.79 -2.51 36.06
CA ALA B 181 23.79 -1.73 34.81
C ALA B 181 24.37 -2.50 33.64
N ILE B 182 25.34 -3.36 33.93
CA ILE B 182 26.06 -4.12 32.89
C ILE B 182 25.72 -5.63 32.83
N GLY B 183 24.69 -6.00 33.60
CA GLY B 183 24.16 -7.36 33.57
C GLY B 183 25.11 -8.38 34.16
N SER B 184 25.55 -8.09 35.37
CA SER B 184 26.49 -8.97 36.09
C SER B 184 26.30 -8.89 37.59
N THR B 185 27.13 -9.67 38.29
CA THR B 185 27.05 -9.69 39.76
C THR B 185 27.99 -8.66 40.37
N ARG B 186 27.70 -8.30 41.62
CA ARG B 186 28.53 -7.35 42.39
C ARG B 186 29.92 -7.91 42.68
N VAL B 187 29.96 -9.21 42.88
CA VAL B 187 31.22 -9.88 43.18
C VAL B 187 32.21 -9.70 42.03
N THR B 188 31.74 -9.98 40.80
CA THR B 188 32.57 -9.87 39.59
C THR B 188 32.99 -8.44 39.34
N VAL B 189 32.15 -7.52 39.76
CA VAL B 189 32.44 -6.10 39.62
C VAL B 189 33.63 -5.71 40.48
N THR B 190 33.55 -6.04 41.75
CA THR B 190 34.66 -5.77 42.67
C THR B 190 35.90 -6.49 42.18
N ARG B 191 35.68 -7.64 41.57
CA ARG B 191 36.74 -8.48 41.03
C ARG B 191 37.44 -7.83 39.85
N LEU B 192 36.65 -7.43 38.86
CA LEU B 192 37.17 -6.77 37.66
C LEU B 192 37.82 -5.43 37.99
N LEU B 193 37.19 -4.66 38.86
CA LEU B 193 37.74 -3.37 39.29
C LEU B 193 39.13 -3.53 39.89
N GLY B 194 39.28 -4.56 40.72
CA GLY B 194 40.56 -4.90 41.33
C GLY B 194 41.63 -5.19 40.29
N ASP B 195 41.22 -5.74 39.15
CA ASP B 195 42.11 -5.97 37.99
C ASP B 195 42.51 -4.68 37.27
N LEU B 196 41.58 -3.75 37.19
CA LEU B 196 41.85 -2.50 36.50
C LEU B 196 42.71 -1.56 37.35
N ARG B 197 42.68 -1.76 38.65
CA ARG B 197 43.57 -1.02 39.55
C ARG B 197 45.01 -1.47 39.32
N GLU B 198 45.18 -2.80 39.36
CA GLU B 198 46.49 -3.41 39.15
C GLU B 198 47.02 -3.04 37.76
N SER B 199 46.16 -3.13 36.75
CA SER B 199 46.54 -2.80 35.37
C SER B 199 46.80 -1.30 35.21
N LYS B 200 46.51 -0.59 36.30
CA LYS B 200 46.79 0.85 36.42
C LYS B 200 46.10 1.64 35.30
N LEU B 201 44.82 1.38 35.10
CA LEU B 201 44.01 2.10 34.10
C LEU B 201 43.02 3.05 34.76
N ILE B 202 42.73 2.76 36.02
CA ILE B 202 41.83 3.57 36.84
C ILE B 202 42.35 3.75 38.27
N ALA B 203 41.62 4.57 39.03
CA ALA B 203 41.92 4.83 40.43
C ALA B 203 40.67 5.20 41.19
N ILE B 204 40.57 4.71 42.42
CA ILE B 204 39.36 4.91 43.23
C ILE B 204 39.61 5.53 44.60
N HIS B 205 39.05 6.72 44.76
CA HIS B 205 39.04 7.39 46.07
C HIS B 205 37.65 7.88 46.38
N LYS B 206 37.17 7.53 47.59
CA LYS B 206 35.87 8.04 48.07
C LYS B 206 34.78 7.75 47.03
N LYS B 207 34.78 6.51 46.51
CA LYS B 207 33.73 6.09 45.58
C LYS B 207 33.73 7.02 44.36
N ARG B 208 34.91 7.47 43.95
CA ARG B 208 34.97 8.27 42.70
C ARG B 208 35.86 7.50 41.72
N ILE B 209 35.36 7.27 40.50
CA ILE B 209 36.12 6.45 39.54
C ILE B 209 36.86 7.38 38.58
N THR B 210 38.18 7.27 38.51
CA THR B 210 38.96 8.15 37.63
C THR B 210 39.78 7.34 36.64
N VAL B 211 39.42 7.46 35.38
CA VAL B 211 40.16 6.80 34.29
C VAL B 211 41.32 7.67 33.78
N PHE B 212 42.39 7.02 33.34
CA PHE B 212 43.54 7.75 32.80
C PHE B 212 43.55 7.60 31.29
N ASN B 213 43.63 8.72 30.61
CA ASN B 213 43.57 8.70 29.15
C ASN B 213 42.41 7.81 28.64
N PRO B 214 41.17 8.28 28.81
CA PRO B 214 39.98 7.55 28.37
C PRO B 214 40.02 7.38 26.88
N VAL B 215 40.71 8.29 26.23
CA VAL B 215 40.87 8.26 24.78
C VAL B 215 41.48 6.94 24.36
N ALA B 216 42.60 6.59 25.01
CA ALA B 216 43.33 5.35 24.72
C ALA B 216 42.44 4.12 24.79
N LEU B 217 41.63 4.14 25.83
CA LEU B 217 40.74 3.00 26.09
C LEU B 217 39.70 2.91 24.98
N SER B 218 39.28 4.06 24.45
CA SER B 218 38.25 4.12 23.39
C SER B 218 38.81 3.68 22.05
N GLN B 219 40.10 3.83 21.88
CA GLN B 219 40.78 3.49 20.63
C GLN B 219 40.53 2.04 20.24
N GLN B 220 40.28 1.21 21.24
CA GLN B 220 40.01 -0.23 21.05
C GLN B 220 38.80 -0.49 20.16
N PHE B 221 37.82 0.39 20.33
CA PHE B 221 36.54 0.25 19.64
C PHE B 221 36.39 1.26 18.49
N SER B 222 37.08 1.00 17.37
CA SER B 222 37.01 1.96 16.21
C SER B 222 36.67 1.27 14.87
N GLU E 4 44.11 16.17 25.44
CA GLU E 4 44.34 16.38 26.90
C GLU E 4 43.48 17.55 27.37
N ASN E 5 42.73 18.18 26.46
CA ASN E 5 41.79 19.26 26.87
C ASN E 5 40.37 18.81 26.56
N TYR E 6 39.46 18.88 27.53
CA TYR E 6 38.10 18.35 27.32
C TYR E 6 37.03 19.44 27.46
N LEU E 7 36.10 19.54 26.51
CA LEU E 7 34.96 20.49 26.63
C LEU E 7 33.68 19.66 26.47
N ASN E 8 32.55 20.11 27.01
CA ASN E 8 31.34 19.23 26.96
C ASN E 8 30.14 19.86 26.22
N HIS E 9 29.91 19.49 24.96
CA HIS E 9 28.66 19.97 24.29
C HIS E 9 27.51 19.33 25.05
N PRO E 10 26.42 20.03 25.39
CA PRO E 10 25.40 19.40 26.23
C PRO E 10 24.64 18.18 25.69
N THR E 11 24.15 18.21 24.45
CA THR E 11 23.54 16.97 23.91
C THR E 11 24.59 15.89 23.72
N PHE E 12 25.74 16.28 23.17
CA PHE E 12 26.85 15.33 22.83
C PHE E 12 27.51 14.67 24.04
N GLY E 13 27.71 15.40 25.14
CA GLY E 13 28.54 14.85 26.24
C GLY E 13 29.98 15.28 26.08
N LEU E 14 30.91 14.73 26.87
CA LEU E 14 32.31 15.26 26.87
C LEU E 14 33.01 15.10 25.52
N LEU E 15 33.82 16.09 25.14
CA LEU E 15 34.58 16.05 23.86
C LEU E 15 36.06 16.29 24.15
N TYR E 16 36.96 15.78 23.29
CA TYR E 16 38.42 15.92 23.54
C TYR E 16 39.08 16.70 22.39
N GLN E 17 39.93 17.68 22.72
CA GLN E 17 40.56 18.54 21.69
C GLN E 17 41.49 17.73 20.78
N ILE E 18 41.53 18.07 19.49
CA ILE E 18 42.47 17.39 18.54
C ILE E 18 43.58 18.39 18.18
N CYS E 19 43.23 19.51 17.55
CA CYS E 19 44.21 20.55 17.16
C CYS E 19 43.59 21.95 17.32
N SER E 20 44.40 23.00 17.46
CA SER E 20 43.86 24.37 17.42
C SER E 20 44.28 25.05 16.11
N PHE E 21 43.32 25.48 15.30
CA PHE E 21 43.62 26.13 13.99
C PHE E 21 44.36 27.47 14.14
N GLY E 22 44.00 28.28 15.13
CA GLY E 22 44.59 29.63 15.23
C GLY E 22 43.72 30.72 14.63
N SER E 24 41.57 31.69 18.43
CA SER E 24 42.08 30.30 18.29
C SER E 24 40.92 29.31 18.15
N LYS E 25 40.36 29.15 16.95
CA LYS E 25 39.30 28.13 16.73
C LYS E 25 39.90 26.74 16.96
N GLU E 26 39.12 25.80 17.49
CA GLU E 26 39.68 24.47 17.87
C GLU E 26 38.77 23.35 17.36
N LEU E 27 39.32 22.15 17.16
CA LEU E 27 38.52 20.99 16.71
C LEU E 27 38.40 19.99 17.85
N PHE E 28 37.17 19.59 18.21
CA PHE E 28 36.96 18.67 19.34
C PHE E 28 36.23 17.42 18.86
N ALA E 29 36.67 16.24 19.32
CA ALA E 29 36.05 14.99 18.87
C ALA E 29 35.31 14.29 20.01
N THR E 30 34.29 13.48 19.68
CA THR E 30 33.50 12.74 20.67
C THR E 30 34.33 11.65 21.37
N LEU E 31 34.03 11.37 22.63
CA LEU E 31 34.88 10.54 23.50
C LEU E 31 34.83 9.06 23.15
N TYR E 32 33.63 8.54 22.97
CA TYR E 32 33.46 7.12 22.70
C TYR E 32 33.60 6.86 21.21
N ALA E 33 34.77 6.31 20.89
CA ALA E 33 35.06 5.82 19.53
C ALA E 33 35.03 6.92 18.45
N GLN E 34 35.27 8.15 18.88
CA GLN E 34 35.37 9.30 17.96
C GLN E 34 34.40 9.22 16.79
N ARG E 35 33.10 9.23 17.10
CA ARG E 35 32.10 9.06 16.00
C ARG E 35 31.78 10.42 15.38
N LEU E 36 31.80 11.49 16.18
CA LEU E 36 31.45 12.84 15.67
C LEU E 36 32.59 13.83 15.95
N PHE E 37 32.95 14.65 14.95
CA PHE E 37 34.01 15.68 15.14
C PHE E 37 33.36 17.06 15.13
N PHE E 38 33.65 17.88 16.15
CA PHE E 38 32.95 19.19 16.28
C PHE E 38 33.94 20.37 16.24
N LEU E 39 33.63 21.39 15.44
CA LEU E 39 34.47 22.62 15.43
C LEU E 39 33.94 23.55 16.51
N VAL E 40 34.81 24.01 17.42
CA VAL E 40 34.37 24.85 18.56
C VAL E 40 35.13 26.17 18.52
N ALA E 41 34.42 27.29 18.63
CA ALA E 41 35.08 28.60 18.68
C ALA E 41 34.88 29.22 20.06
N PHE E 42 35.96 29.61 20.74
CA PHE E 42 35.79 30.14 22.10
C PHE E 42 35.47 31.64 22.00
N ASP E 43 34.28 31.97 21.52
CA ASP E 43 33.85 33.39 21.52
C ASP E 43 33.64 33.82 22.97
N ALA E 44 33.89 35.08 23.27
CA ALA E 44 33.67 35.61 24.62
C ALA E 44 32.19 35.44 25.00
N ARG E 45 31.27 35.69 24.05
CA ARG E 45 29.84 35.47 24.34
C ARG E 45 29.49 33.99 24.10
N GLY E 46 30.04 33.09 24.92
CA GLY E 46 29.67 31.66 24.87
C GLY E 46 30.51 30.82 23.88
N THR E 47 30.64 29.52 24.13
CA THR E 47 31.26 28.60 23.17
C THR E 47 30.26 28.32 22.04
N ARG E 48 30.75 27.98 20.83
CA ARG E 48 29.84 27.61 19.74
C ARG E 48 30.26 26.23 19.22
N PHE E 49 29.30 25.37 18.87
CA PHE E 49 29.64 23.99 18.45
C PHE E 49 29.20 23.75 17.01
N GLU E 50 30.09 23.23 16.16
CA GLU E 50 29.71 22.90 14.77
C GLU E 50 30.25 21.52 14.40
N PRO E 51 29.37 20.52 14.17
CA PRO E 51 29.81 19.21 13.75
C PRO E 51 30.26 19.19 12.30
N ILE E 52 31.26 18.35 12.04
CA ILE E 52 31.79 18.14 10.69
C ILE E 52 32.08 16.67 10.46
N GLY E 53 32.23 16.33 9.17
CA GLY E 53 32.45 14.95 8.76
C GLY E 53 33.89 14.52 8.94
N ARG E 54 34.08 13.21 9.02
CA ARG E 54 35.41 12.64 9.31
C ARG E 54 36.42 13.00 8.22
N ASN E 55 36.03 12.72 6.97
CA ASN E 55 36.85 13.03 5.81
C ASN E 55 37.32 14.48 5.77
N GLU E 56 36.42 15.39 6.16
CA GLU E 56 36.72 16.81 6.15
C GLU E 56 37.61 17.24 7.32
N ALA E 57 37.26 16.74 8.49
CA ALA E 57 38.02 17.05 9.72
C ALA E 57 39.46 16.60 9.56
N ARG E 58 39.68 15.68 8.64
CA ARG E 58 41.02 15.16 8.37
C ARG E 58 41.91 16.21 7.69
N MET E 59 41.45 16.69 6.54
CA MET E 59 42.25 17.67 5.76
C MET E 59 42.49 18.92 6.60
N LEU E 60 41.51 19.29 7.43
CA LEU E 60 41.65 20.53 8.22
C LEU E 60 42.88 20.41 9.12
N VAL E 61 43.07 19.23 9.73
CA VAL E 61 44.27 19.01 10.58
C VAL E 61 45.49 18.93 9.65
N ASP E 62 45.33 18.31 8.51
CA ASP E 62 46.45 18.15 7.57
C ASP E 62 47.16 19.47 7.35
N ASN E 63 46.40 20.47 6.94
CA ASN E 63 46.97 21.80 6.70
C ASN E 63 47.74 22.25 7.94
N ARG E 64 47.15 22.03 9.12
CA ARG E 64 47.79 22.50 10.37
C ARG E 64 49.14 21.80 10.54
N LEU E 65 49.19 20.50 10.23
CA LEU E 65 50.46 19.75 10.33
C LEU E 65 51.55 20.48 9.55
N ARG E 66 51.32 20.73 8.25
CA ARG E 66 52.37 21.34 7.44
C ARG E 66 52.79 22.66 8.02
N GLN E 67 51.86 23.32 8.68
CA GLN E 67 52.11 24.66 9.19
C GLN E 67 52.96 24.63 10.45
N LEU E 68 52.73 23.65 11.31
CA LEU E 68 53.58 23.44 12.50
C LEU E 68 55.00 23.06 12.06
N ARG E 69 55.05 22.23 11.02
CA ARG E 69 56.32 21.75 10.49
C ARG E 69 57.15 22.90 9.96
N ARG E 70 56.63 23.61 8.95
CA ARG E 70 57.44 24.63 8.22
C ARG E 70 57.66 25.95 8.97
N ASP E 71 56.81 26.33 9.93
CA ASP E 71 56.95 27.67 10.53
C ASP E 71 57.29 27.66 12.01
N ALA E 72 56.92 26.59 12.68
CA ALA E 72 57.05 26.53 14.12
C ALA E 72 58.15 25.57 14.60
N SER E 73 57.92 25.07 15.82
CA SER E 73 58.87 24.27 16.57
C SER E 73 58.73 22.80 16.21
N LEU E 74 59.73 22.06 16.70
CA LEU E 74 59.84 20.63 16.41
C LEU E 74 58.85 19.84 17.25
N GLN E 75 58.91 20.14 18.54
CA GLN E 75 58.05 19.52 19.56
C GLN E 75 56.59 19.49 19.11
N GLU E 76 56.06 20.68 18.85
CA GLU E 76 54.64 20.85 18.60
C GLU E 76 54.18 20.04 17.39
N TYR E 77 54.98 20.08 16.34
CA TYR E 77 54.66 19.32 15.14
C TYR E 77 54.51 17.82 15.45
N ASN E 78 55.41 17.33 16.28
CA ASN E 78 55.38 15.91 16.65
C ASN E 78 54.12 15.57 17.41
N GLN E 79 53.79 16.42 18.37
CA GLN E 79 52.63 16.18 19.26
C GLN E 79 51.33 16.06 18.48
N LEU E 80 51.10 17.02 17.58
CA LEU E 80 49.92 16.99 16.70
C LEU E 80 49.90 15.74 15.82
N GLN E 81 51.09 15.34 15.36
CA GLN E 81 51.24 14.13 14.54
C GLN E 81 50.84 12.89 15.33
N GLN E 82 51.16 12.89 16.62
CA GLN E 82 50.73 11.84 17.56
C GLN E 82 49.23 11.67 17.49
N VAL E 83 48.54 12.77 17.74
CA VAL E 83 47.08 12.78 17.77
C VAL E 83 46.53 12.35 16.43
N PHE E 84 47.08 12.92 15.37
CA PHE E 84 46.71 12.58 13.98
C PHE E 84 46.96 11.09 13.71
N LYS E 85 48.17 10.67 14.01
CA LYS E 85 48.57 9.27 13.85
C LYS E 85 47.57 8.32 14.53
N GLN E 86 47.20 8.65 15.77
CA GLN E 86 46.28 7.81 16.53
C GLN E 86 44.87 7.88 16.00
N THR E 87 44.42 9.09 15.77
CA THR E 87 43.04 9.32 15.35
C THR E 87 42.74 8.70 14.00
N PHE E 88 43.79 8.54 13.20
CA PHE E 88 43.68 7.92 11.88
C PHE E 88 44.77 6.84 11.70
N GLU F 4 -5.10 -16.03 23.62
CA GLU F 4 -4.69 -16.94 22.51
C GLU F 4 -5.25 -16.48 21.14
N ASN F 5 -6.00 -15.39 21.12
CA ASN F 5 -6.47 -14.78 19.86
C ASN F 5 -5.75 -13.46 19.61
N TYR F 6 -5.14 -13.34 18.44
CA TYR F 6 -4.18 -12.26 18.22
C TYR F 6 -4.66 -11.15 17.29
N LEU F 7 -4.02 -9.99 17.45
CA LEU F 7 -4.32 -8.80 16.65
C LEU F 7 -3.07 -7.92 16.54
N ASN F 8 -2.80 -7.47 15.32
CA ASN F 8 -1.55 -6.79 15.01
C ASN F 8 -1.62 -5.27 15.07
N HIS F 9 -1.19 -4.74 16.20
CA HIS F 9 -1.08 -3.29 16.38
C HIS F 9 0.07 -2.73 15.56
N PRO F 10 -0.11 -1.59 14.88
CA PRO F 10 0.92 -1.01 14.02
C PRO F 10 2.24 -0.75 14.77
N THR F 11 2.12 -0.16 15.94
CA THR F 11 3.30 0.28 16.69
C THR F 11 3.81 -0.80 17.64
N PHE F 12 2.92 -1.30 18.51
CA PHE F 12 3.30 -2.20 19.61
C PHE F 12 3.26 -3.67 19.24
N GLY F 13 3.11 -3.91 17.95
CA GLY F 13 3.14 -5.25 17.37
C GLY F 13 1.95 -6.10 17.77
N LEU F 14 2.24 -7.38 18.03
CA LEU F 14 1.20 -8.35 18.32
C LEU F 14 0.54 -8.10 19.66
N LEU F 15 -0.80 -8.20 19.68
CA LEU F 15 -1.57 -8.09 20.92
C LEU F 15 -2.39 -9.37 21.07
N TYR F 16 -2.65 -9.83 22.29
CA TYR F 16 -3.35 -11.13 22.48
C TYR F 16 -4.67 -10.92 23.22
N GLN F 17 -5.75 -11.53 22.72
CA GLN F 17 -7.10 -11.29 23.30
C GLN F 17 -7.23 -11.76 24.75
N ILE F 18 -7.99 -11.02 25.55
CA ILE F 18 -8.30 -11.37 26.94
C ILE F 18 -9.74 -11.89 27.04
N CYS F 19 -10.68 -11.11 26.54
CA CYS F 19 -12.10 -11.51 26.54
C CYS F 19 -12.95 -10.63 25.63
N SER F 20 -14.20 -11.08 25.41
CA SER F 20 -15.13 -10.36 24.53
C SER F 20 -16.29 -9.82 25.38
N PHE F 21 -16.53 -8.52 25.34
CA PHE F 21 -17.61 -7.90 26.12
C PHE F 21 -18.89 -7.91 25.29
N GLY F 22 -20.05 -7.72 25.94
CA GLY F 22 -21.34 -7.77 25.25
C GLY F 22 -21.49 -6.66 24.22
N ASP F 23 -20.77 -5.54 24.40
CA ASP F 23 -20.87 -4.38 23.50
C ASP F 23 -20.17 -4.70 22.17
N SER F 24 -19.75 -5.95 21.98
CA SER F 24 -18.89 -6.42 20.87
C SER F 24 -17.47 -5.86 21.00
N LYS F 25 -17.25 -4.95 21.95
CA LYS F 25 -15.90 -4.42 22.20
C LYS F 25 -15.04 -5.53 22.82
N GLU F 26 -13.75 -5.58 22.48
CA GLU F 26 -12.88 -6.67 22.97
C GLU F 26 -11.64 -6.10 23.63
N LEU F 27 -11.19 -6.70 24.73
CA LEU F 27 -10.01 -6.21 25.44
C LEU F 27 -8.75 -6.98 25.01
N PHE F 28 -7.72 -6.25 24.56
CA PHE F 28 -6.46 -6.89 24.09
C PHE F 28 -5.27 -6.41 24.92
N ALA F 29 -4.19 -7.21 24.97
CA ALA F 29 -3.05 -6.87 25.83
C ALA F 29 -1.71 -7.08 25.10
N THR F 30 -0.66 -6.36 25.52
CA THR F 30 0.66 -6.47 24.87
C THR F 30 1.25 -7.87 25.06
N LEU F 31 1.91 -8.41 24.03
CA LEU F 31 2.41 -9.80 24.07
C LEU F 31 3.49 -10.03 25.14
N TYR F 32 4.38 -9.06 25.34
CA TYR F 32 5.48 -9.31 26.30
C TYR F 32 5.22 -8.54 27.60
N ALA F 33 5.02 -9.27 28.71
CA ALA F 33 4.94 -8.66 30.06
C ALA F 33 3.57 -7.96 30.29
N GLN F 34 2.66 -8.04 29.34
CA GLN F 34 1.32 -7.47 29.53
C GLN F 34 1.50 -5.99 29.93
N ARG F 35 2.45 -5.29 29.30
CA ARG F 35 2.78 -3.91 29.72
C ARG F 35 1.59 -2.97 29.51
N LEU F 36 0.86 -3.11 28.41
CA LEU F 36 -0.22 -2.16 28.10
C LEU F 36 -1.49 -2.90 27.71
N PHE F 37 -2.66 -2.29 27.97
CA PHE F 37 -3.95 -2.90 27.62
C PHE F 37 -4.68 -2.02 26.60
N PHE F 38 -5.46 -2.63 25.69
CA PHE F 38 -6.20 -1.91 24.67
C PHE F 38 -7.63 -2.37 24.52
N LEU F 39 -8.52 -1.42 24.26
CA LEU F 39 -9.92 -1.70 23.94
C LEU F 39 -10.13 -1.59 22.45
N VAL F 40 -10.43 -2.71 21.80
CA VAL F 40 -10.58 -2.70 20.35
C VAL F 40 -12.07 -2.68 19.96
N ALA F 41 -12.46 -1.74 19.10
CA ALA F 41 -13.85 -1.67 18.61
C ALA F 41 -13.86 -1.87 17.10
N PHE F 42 -14.57 -2.89 16.59
CA PHE F 42 -14.49 -3.20 15.15
C PHE F 42 -15.52 -2.39 14.35
N ASP F 43 -15.13 -1.22 13.86
CA ASP F 43 -16.02 -0.45 12.96
C ASP F 43 -15.76 -0.95 11.53
N ALA F 44 -16.70 -0.70 10.61
CA ALA F 44 -16.56 -1.22 9.24
C ALA F 44 -15.11 -0.98 8.77
N ARG F 45 -14.63 0.25 8.87
CA ARG F 45 -13.21 0.54 8.55
C ARG F 45 -12.60 1.06 9.85
N GLY F 46 -13.12 0.60 10.99
CA GLY F 46 -12.69 1.14 12.28
C GLY F 46 -11.53 0.35 12.84
N THR F 47 -11.80 -0.83 13.41
CA THR F 47 -10.70 -1.57 14.05
C THR F 47 -9.87 -0.55 14.84
N ARG F 48 -10.52 0.29 15.64
CA ARG F 48 -9.80 1.35 16.37
C ARG F 48 -9.19 0.81 17.68
N PHE F 49 -8.13 1.44 18.16
CA PHE F 49 -7.45 1.01 19.39
C PHE F 49 -7.64 2.06 20.48
N GLU F 50 -7.96 1.61 21.69
CA GLU F 50 -8.22 2.52 22.82
C GLU F 50 -7.49 2.03 24.07
N PRO F 51 -6.38 2.68 24.40
CA PRO F 51 -5.51 2.26 25.49
C PRO F 51 -6.10 2.54 26.84
N ILE F 52 -5.85 1.62 27.77
CA ILE F 52 -6.27 1.77 29.15
C ILE F 52 -5.23 1.21 30.10
N GLY F 53 -5.42 1.49 31.40
CA GLY F 53 -4.50 1.00 32.44
C GLY F 53 -4.96 -0.35 33.01
N ARG F 54 -4.08 -1.03 33.76
CA ARG F 54 -4.41 -2.36 34.30
C ARG F 54 -5.61 -2.30 35.26
N ASN F 55 -5.68 -1.29 36.11
CA ASN F 55 -6.79 -1.18 37.08
C ASN F 55 -8.09 -1.09 36.30
N GLU F 56 -8.15 -0.13 35.36
CA GLU F 56 -9.34 0.09 34.56
C GLU F 56 -9.70 -1.18 33.77
N ALA F 57 -8.67 -1.90 33.38
CA ALA F 57 -8.81 -3.16 32.61
C ALA F 57 -9.27 -4.36 33.44
N ARG F 58 -8.92 -4.36 34.71
CA ARG F 58 -9.30 -5.44 35.63
C ARG F 58 -10.82 -5.45 35.81
N MET F 59 -11.36 -4.30 36.17
CA MET F 59 -12.79 -4.19 36.50
C MET F 59 -13.65 -4.50 35.28
N LEU F 60 -13.10 -4.22 34.10
CA LEU F 60 -13.85 -4.44 32.85
C LEU F 60 -14.11 -5.93 32.66
N VAL F 61 -13.08 -6.71 32.95
CA VAL F 61 -13.18 -8.17 32.91
C VAL F 61 -14.05 -8.67 34.07
N ASP F 62 -13.99 -7.94 35.18
CA ASP F 62 -14.75 -8.29 36.39
C ASP F 62 -16.23 -8.35 36.09
N ASN F 63 -16.74 -7.31 35.43
CA ASN F 63 -18.12 -7.26 34.96
C ASN F 63 -18.47 -8.44 34.09
N ARG F 64 -17.57 -8.78 33.19
CA ARG F 64 -17.77 -9.90 32.28
C ARG F 64 -17.77 -11.24 33.01
N LEU F 65 -17.11 -11.25 34.17
CA LEU F 65 -17.05 -12.47 35.02
C LEU F 65 -18.43 -12.75 35.59
N ARG F 66 -19.07 -11.71 36.12
CA ARG F 66 -20.38 -11.90 36.76
C ARG F 66 -21.42 -12.22 35.69
N GLN F 67 -21.42 -11.50 34.56
CA GLN F 67 -22.47 -11.74 33.58
C GLN F 67 -22.46 -13.19 33.10
N LEU F 68 -21.28 -13.71 32.81
CA LEU F 68 -21.22 -15.06 32.23
C LEU F 68 -21.73 -16.10 33.22
N ARG F 69 -21.36 -16.00 34.49
CA ARG F 69 -21.76 -17.07 35.41
C ARG F 69 -23.28 -17.18 35.57
N ARG F 70 -23.95 -16.05 35.73
CA ARG F 70 -25.42 -16.08 36.00
C ARG F 70 -26.20 -16.47 34.75
N ASP F 71 -25.80 -16.00 33.57
CA ASP F 71 -26.64 -16.27 32.38
C ASP F 71 -25.91 -17.16 31.37
N ALA F 72 -24.82 -17.81 31.74
CA ALA F 72 -24.22 -18.71 30.75
C ALA F 72 -23.60 -19.97 31.38
N SER F 73 -22.92 -20.77 30.55
CA SER F 73 -22.30 -22.03 31.00
C SER F 73 -21.12 -21.75 31.94
N LEU F 74 -20.91 -22.66 32.89
CA LEU F 74 -19.80 -22.52 33.84
C LEU F 74 -18.48 -22.49 33.06
N GLN F 75 -18.37 -23.33 32.04
CA GLN F 75 -17.08 -23.45 31.33
C GLN F 75 -16.71 -22.09 30.71
N GLU F 76 -17.66 -21.36 30.11
CA GLU F 76 -17.25 -20.06 29.55
C GLU F 76 -16.76 -19.17 30.70
N TYR F 77 -17.49 -19.20 31.80
CA TYR F 77 -17.12 -18.37 32.98
C TYR F 77 -15.76 -18.83 33.49
N ASN F 78 -15.56 -20.15 33.55
CA ASN F 78 -14.28 -20.69 34.03
C ASN F 78 -13.16 -20.27 33.08
N GLN F 79 -13.42 -20.30 31.76
CA GLN F 79 -12.34 -20.00 30.80
C GLN F 79 -11.88 -18.55 30.99
N LEU F 80 -12.82 -17.63 31.21
CA LEU F 80 -12.41 -16.25 31.50
C LEU F 80 -11.69 -16.25 32.85
N GLN F 81 -12.19 -17.05 33.79
CA GLN F 81 -11.58 -17.07 35.14
C GLN F 81 -10.09 -17.45 35.06
N GLN F 82 -9.78 -18.41 34.18
CA GLN F 82 -8.39 -18.77 33.90
C GLN F 82 -7.62 -17.51 33.54
N VAL F 83 -8.13 -16.81 32.54
CA VAL F 83 -7.48 -15.62 32.00
C VAL F 83 -7.31 -14.57 33.09
N PHE F 84 -8.42 -14.31 33.76
CA PHE F 84 -8.45 -13.34 34.87
C PHE F 84 -7.43 -13.71 35.94
N LYS F 85 -7.50 -14.99 36.32
CA LYS F 85 -6.61 -15.55 37.35
C LYS F 85 -5.13 -15.33 36.99
N GLN F 86 -4.77 -15.62 35.74
CA GLN F 86 -3.38 -15.49 35.28
C GLN F 86 -2.96 -14.05 35.07
N THR F 87 -3.88 -13.27 34.50
CA THR F 87 -3.58 -11.92 34.01
C THR F 87 -3.43 -10.88 35.11
N PHE F 88 -4.13 -11.05 36.22
CA PHE F 88 -4.13 -10.03 37.30
C PHE F 88 -3.61 -10.52 38.66
N LEU F 89 -3.73 -11.84 38.85
CA LEU F 89 -3.44 -12.46 40.15
C LEU F 89 -2.19 -13.35 40.10
N SER G 7 -36.19 -4.68 -13.14
CA SER G 7 -36.72 -3.49 -12.43
C SER G 7 -36.17 -2.19 -13.01
N LEU G 8 -35.20 -2.26 -13.91
CA LEU G 8 -34.65 -1.03 -14.50
C LEU G 8 -35.73 -0.09 -14.99
N LEU G 9 -36.67 -0.68 -15.70
CA LEU G 9 -37.77 0.09 -16.28
C LEU G 9 -38.70 0.58 -15.17
N THR G 10 -38.78 -0.21 -14.10
CA THR G 10 -39.65 0.08 -12.95
C THR G 10 -39.09 1.19 -12.09
N MET G 11 -37.78 1.12 -11.84
CA MET G 11 -37.10 2.06 -10.96
C MET G 11 -36.94 3.45 -11.59
N PHE G 12 -36.55 3.48 -12.87
CA PHE G 12 -36.39 4.75 -13.62
C PHE G 12 -37.70 5.58 -13.63
N ARG G 13 -38.82 4.84 -13.59
CA ARG G 13 -40.15 5.44 -13.67
C ARG G 13 -40.51 6.23 -12.41
N GLU G 14 -39.70 6.06 -11.37
CA GLU G 14 -39.98 6.70 -10.09
C GLU G 14 -38.97 7.79 -9.70
N LEU G 15 -38.39 8.41 -10.72
CA LEU G 15 -37.55 9.60 -10.52
C LEU G 15 -38.36 10.88 -10.86
N LEU G 20 -44.22 13.22 -8.23
CA LEU G 20 -42.83 13.10 -8.66
C LEU G 20 -42.64 12.00 -9.74
N PRO G 21 -43.43 12.05 -10.85
CA PRO G 21 -43.33 11.08 -11.94
C PRO G 21 -42.31 11.50 -13.00
N LEU G 22 -42.10 10.64 -13.98
CA LEU G 22 -41.09 10.86 -15.03
C LEU G 22 -41.59 10.40 -16.39
N GLN G 23 -41.74 11.35 -17.31
CA GLN G 23 -42.29 11.07 -18.63
C GLN G 23 -41.23 10.58 -19.61
N ILE G 24 -41.67 9.75 -20.55
CA ILE G 24 -40.75 9.05 -21.47
C ILE G 24 -40.46 9.84 -22.74
N GLU G 25 -39.21 9.78 -23.17
CA GLU G 25 -38.72 10.51 -24.34
C GLU G 25 -38.86 9.71 -25.63
N GLN G 26 -38.99 10.40 -26.75
CA GLN G 26 -39.19 9.70 -28.02
C GLN G 26 -38.31 10.30 -29.11
N PHE G 27 -37.50 9.47 -29.78
CA PHE G 27 -36.64 9.95 -30.86
C PHE G 27 -37.02 9.25 -32.17
N GLU G 28 -37.24 10.02 -33.24
CA GLU G 28 -37.54 9.43 -34.56
C GLU G 28 -36.28 8.71 -35.06
N ARG G 29 -36.46 7.65 -35.85
CA ARG G 29 -35.32 6.85 -36.37
C ARG G 29 -34.42 7.78 -37.19
N GLY G 30 -33.09 7.67 -37.01
CA GLY G 30 -32.17 8.54 -37.73
C GLY G 30 -31.88 9.82 -36.95
N LYS G 31 -32.69 10.09 -35.94
CA LYS G 31 -32.51 11.33 -35.18
C LYS G 31 -31.49 11.11 -34.08
N THR G 32 -30.59 12.07 -33.95
CA THR G 32 -29.47 11.91 -33.05
C THR G 32 -29.79 12.32 -31.63
N ILE G 33 -29.30 11.53 -30.69
CA ILE G 33 -29.49 11.78 -29.27
C ILE G 33 -28.48 12.78 -28.81
N PHE G 34 -27.21 12.37 -28.83
CA PHE G 34 -26.10 13.28 -28.54
C PHE G 34 -24.95 13.13 -29.51
N PHE G 35 -24.26 14.24 -29.79
CA PHE G 35 -23.10 14.26 -30.66
C PHE G 35 -21.83 14.38 -29.85
N PRO G 36 -20.67 14.24 -30.49
CA PRO G 36 -19.44 14.53 -29.78
C PRO G 36 -19.37 16.01 -29.42
N GLY G 37 -18.58 16.32 -28.41
CA GLY G 37 -18.39 17.72 -28.01
C GLY G 37 -19.46 18.24 -27.05
N ASP G 38 -20.66 17.65 -27.13
CA ASP G 38 -21.76 17.99 -26.23
C ASP G 38 -21.43 17.66 -24.79
N PRO G 39 -21.92 18.47 -23.85
CA PRO G 39 -21.69 18.17 -22.45
C PRO G 39 -22.43 16.91 -21.97
N ALA G 40 -21.63 15.94 -21.53
CA ALA G 40 -22.15 14.67 -21.02
C ALA G 40 -22.73 14.87 -19.62
N GLU G 41 -23.99 15.26 -19.60
CA GLU G 41 -24.67 15.61 -18.34
C GLU G 41 -25.91 14.76 -18.07
N ARG G 42 -25.99 13.60 -18.71
CA ARG G 42 -27.16 12.75 -18.57
C ARG G 42 -26.89 11.24 -18.59
N VAL G 43 -27.79 10.49 -17.97
CA VAL G 43 -27.76 9.02 -17.95
C VAL G 43 -29.05 8.46 -18.56
N TYR G 44 -28.91 7.69 -19.61
CA TYR G 44 -30.07 7.25 -20.36
C TYR G 44 -30.44 5.81 -20.06
N LEU G 45 -31.67 5.44 -20.41
CA LEU G 45 -32.14 4.06 -20.35
C LEU G 45 -33.00 3.74 -21.57
N LEU G 46 -32.38 3.16 -22.57
CA LEU G 46 -33.13 2.75 -23.76
C LEU G 46 -34.27 1.83 -23.31
N VAL G 47 -35.49 2.16 -23.70
CA VAL G 47 -36.65 1.35 -23.22
C VAL G 47 -37.18 0.53 -24.40
N LYS G 48 -37.40 1.18 -25.54
CA LYS G 48 -37.83 0.45 -26.75
C LYS G 48 -36.99 0.96 -27.92
N GLY G 49 -36.73 0.11 -28.92
CA GLY G 49 -35.91 0.49 -30.08
C GLY G 49 -34.42 0.25 -29.83
N ALA G 50 -33.56 0.64 -30.79
CA ALA G 50 -32.12 0.39 -30.69
C ALA G 50 -31.32 1.68 -30.85
N VAL G 51 -30.21 1.82 -30.11
CA VAL G 51 -29.38 3.05 -30.13
C VAL G 51 -27.97 2.73 -30.63
N LYS G 52 -27.54 3.36 -31.71
CA LYS G 52 -26.21 3.17 -32.27
C LYS G 52 -25.19 4.14 -31.70
N LEU G 53 -24.30 3.60 -30.88
CA LEU G 53 -23.15 4.36 -30.43
C LEU G 53 -22.02 4.21 -31.43
N SER G 54 -21.48 5.35 -31.86
CA SER G 54 -20.46 5.35 -32.89
C SER G 54 -19.36 6.37 -32.69
N ARG G 55 -18.17 5.97 -33.10
CA ARG G 55 -17.02 6.86 -33.19
C ARG G 55 -16.94 7.41 -34.58
N VAL G 56 -16.61 8.70 -34.65
CA VAL G 56 -16.53 9.35 -35.95
C VAL G 56 -15.24 10.12 -36.07
N TYR G 57 -14.45 9.74 -37.08
CA TYR G 57 -13.17 10.40 -37.35
C TYR G 57 -13.34 11.67 -38.18
N GLU G 58 -12.31 12.51 -38.20
CA GLU G 58 -12.33 13.71 -39.06
C GLU G 58 -12.45 13.28 -40.51
N SER G 59 -11.86 12.14 -40.82
CA SER G 59 -11.97 11.58 -42.18
C SER G 59 -13.46 11.41 -42.54
N GLY G 60 -14.31 11.47 -41.52
CA GLY G 60 -15.75 11.36 -41.71
C GLY G 60 -16.30 9.94 -41.52
N GLU G 61 -15.38 8.98 -41.41
CA GLU G 61 -15.75 7.56 -41.27
C GLU G 61 -16.31 7.23 -39.87
N GLU G 62 -17.26 6.29 -39.84
CA GLU G 62 -17.92 5.87 -38.59
C GLU G 62 -17.55 4.46 -38.15
N ILE G 63 -17.24 4.33 -36.88
CA ILE G 63 -17.03 3.01 -36.27
C ILE G 63 -18.07 2.75 -35.20
N THR G 64 -18.92 1.76 -35.44
CA THR G 64 -19.95 1.37 -34.46
C THR G 64 -19.33 0.65 -33.27
N VAL G 65 -19.44 1.25 -32.11
CA VAL G 65 -18.87 0.70 -30.88
C VAL G 65 -19.73 -0.41 -30.31
N ALA G 66 -21.01 -0.07 -30.14
CA ALA G 66 -21.97 -1.01 -29.60
C ALA G 66 -23.35 -0.65 -30.09
N LEU G 67 -24.11 -1.67 -30.45
CA LEU G 67 -25.51 -1.48 -30.87
C LEU G 67 -26.46 -1.96 -29.76
N LEU G 68 -26.92 -1.00 -28.96
CA LEU G 68 -27.69 -1.29 -27.72
C LEU G 68 -29.14 -1.73 -27.94
N ARG G 69 -29.60 -2.55 -27.02
CA ARG G 69 -30.93 -3.16 -27.08
C ARG G 69 -31.84 -2.58 -26.01
N GLU G 70 -32.99 -3.20 -25.84
CA GLU G 70 -33.96 -2.79 -24.84
C GLU G 70 -33.39 -2.90 -23.44
N ASN G 71 -33.85 -2.06 -22.53
CA ASN G 71 -33.38 -2.01 -21.14
C ASN G 71 -31.86 -1.90 -21.04
N SER G 72 -31.28 -1.14 -21.95
CA SER G 72 -29.86 -0.88 -21.96
C SER G 72 -29.58 0.47 -21.33
N VAL G 73 -28.59 0.48 -20.46
CA VAL G 73 -28.19 1.71 -19.79
C VAL G 73 -26.96 2.32 -20.48
N PHE G 74 -27.09 3.55 -20.95
CA PHE G 74 -25.98 4.24 -21.63
C PHE G 74 -25.85 5.70 -21.27
N GLY G 75 -24.80 6.32 -21.80
CA GLY G 75 -24.46 7.69 -21.42
C GLY G 75 -23.58 7.68 -20.20
N VAL G 76 -22.86 6.57 -20.07
CA VAL G 76 -22.12 6.21 -18.84
C VAL G 76 -21.04 7.23 -18.45
N LEU G 77 -20.58 8.02 -19.42
CA LEU G 77 -19.51 8.98 -19.15
C LEU G 77 -19.91 9.97 -18.07
N SER G 78 -21.20 10.25 -17.99
CA SER G 78 -21.69 11.28 -17.08
C SER G 78 -21.51 10.89 -15.61
N LEU G 79 -21.33 9.60 -15.38
CA LEU G 79 -21.19 9.09 -14.02
C LEU G 79 -19.78 9.27 -13.51
N LEU G 80 -18.87 9.51 -14.43
CA LEU G 80 -17.47 9.69 -14.08
C LEU G 80 -17.17 11.14 -13.73
N THR G 81 -17.35 12.01 -14.73
CA THR G 81 -16.94 13.40 -14.64
C THR G 81 -18.12 14.35 -14.45
N GLY G 82 -19.27 13.93 -14.97
CA GLY G 82 -20.49 14.73 -14.88
C GLY G 82 -20.62 15.67 -16.04
N GLN G 83 -21.39 16.73 -15.81
CA GLN G 83 -21.69 17.71 -16.87
C GLN G 83 -20.50 18.49 -17.34
N ARG G 84 -19.35 18.23 -16.70
CA ARG G 84 -18.15 19.02 -16.93
C ARG G 84 -17.47 18.67 -18.24
N SER G 85 -17.42 17.35 -18.53
CA SER G 85 -16.73 16.81 -19.71
C SER G 85 -17.63 16.63 -20.92
N ASP G 86 -16.97 16.50 -22.07
CA ASP G 86 -17.66 16.45 -23.35
C ASP G 86 -17.62 15.05 -23.97
N ARG G 87 -18.71 14.71 -24.63
CA ARG G 87 -18.84 13.42 -25.30
C ARG G 87 -17.78 13.25 -26.39
N PHE G 88 -17.69 12.00 -26.87
CA PHE G 88 -16.81 11.70 -28.01
C PHE G 88 -17.35 10.62 -28.92
N TYR G 89 -18.47 10.03 -28.48
CA TYR G 89 -19.16 9.05 -29.30
C TYR G 89 -20.40 9.67 -29.92
N HIS G 90 -20.92 9.01 -30.93
CA HIS G 90 -22.11 9.48 -31.66
C HIS G 90 -23.29 8.59 -31.34
N ALA G 91 -24.20 9.10 -30.52
CA ALA G 91 -25.39 8.32 -30.13
C ALA G 91 -26.57 8.59 -31.06
N VAL G 92 -26.84 7.63 -31.93
CA VAL G 92 -27.95 7.76 -32.90
C VAL G 92 -29.06 6.76 -32.67
N ALA G 93 -30.30 7.21 -32.88
CA ALA G 93 -31.45 6.30 -32.75
C ALA G 93 -31.55 5.47 -34.02
N PHE G 94 -30.95 4.27 -34.04
CA PHE G 94 -30.92 3.45 -35.28
C PHE G 94 -32.34 2.96 -35.62
N THR G 95 -33.21 2.91 -34.62
CA THR G 95 -34.60 2.45 -34.78
C THR G 95 -35.49 3.44 -34.03
N PRO G 96 -36.80 3.54 -34.29
CA PRO G 96 -37.57 4.55 -33.59
C PRO G 96 -37.34 4.16 -32.13
N VAL G 97 -37.03 5.13 -31.27
CA VAL G 97 -36.60 4.78 -29.89
C VAL G 97 -37.42 5.51 -28.82
N GLN G 98 -37.78 4.80 -27.74
CA GLN G 98 -38.42 5.47 -26.60
C GLN G 98 -37.45 5.26 -25.43
N LEU G 99 -37.10 6.32 -24.70
CA LEU G 99 -36.08 6.13 -23.65
C LEU G 99 -36.26 7.11 -22.50
N PHE G 100 -35.65 6.81 -21.35
CA PHE G 100 -35.66 7.70 -20.19
C PHE G 100 -34.36 8.50 -20.19
N SER G 101 -34.34 9.55 -19.39
CA SER G 101 -33.22 10.50 -19.41
C SER G 101 -33.17 11.33 -18.14
N VAL G 102 -32.41 10.82 -17.19
CA VAL G 102 -32.26 11.50 -15.92
C VAL G 102 -30.94 12.21 -15.89
N PRO G 103 -30.96 13.53 -15.66
CA PRO G 103 -29.73 14.26 -15.38
C PRO G 103 -28.93 13.62 -14.25
N ILE G 104 -27.62 13.57 -14.47
CA ILE G 104 -26.74 12.81 -13.59
C ILE G 104 -26.92 13.24 -12.15
N GLU G 105 -26.94 14.55 -11.94
CA GLU G 105 -26.98 15.11 -10.57
C GLU G 105 -28.15 14.54 -9.77
N PHE G 106 -29.33 14.63 -10.35
CA PHE G 106 -30.55 14.14 -9.68
C PHE G 106 -30.49 12.65 -9.44
N MET G 107 -29.68 12.01 -10.28
CA MET G 107 -29.46 10.56 -10.17
C MET G 107 -28.59 10.28 -8.96
N GLN G 108 -27.46 10.98 -8.90
CA GLN G 108 -26.46 10.76 -7.85
C GLN G 108 -27.10 10.76 -6.48
N LYS G 109 -28.08 11.64 -6.33
CA LYS G 109 -28.83 11.78 -5.06
C LYS G 109 -29.82 10.63 -4.88
N ALA G 110 -30.49 10.30 -5.97
CA ALA G 110 -31.53 9.26 -5.95
C ALA G 110 -30.95 7.86 -5.72
N LEU G 111 -29.64 7.72 -5.94
CA LEU G 111 -28.94 6.44 -5.74
C LEU G 111 -28.77 6.12 -4.25
N ILE G 112 -28.49 7.17 -3.49
CA ILE G 112 -28.24 7.08 -2.04
C ILE G 112 -29.56 6.93 -1.27
N GLU G 113 -30.58 7.58 -1.80
CA GLU G 113 -31.90 7.57 -1.18
C GLU G 113 -32.54 6.18 -1.27
N ARG G 114 -32.51 5.60 -2.47
CA ARG G 114 -33.04 4.27 -2.73
C ARG G 114 -31.92 3.27 -3.05
N PRO G 115 -31.46 2.49 -2.04
CA PRO G 115 -30.41 1.48 -2.25
C PRO G 115 -30.84 0.27 -3.07
N GLU G 116 -32.13 0.24 -3.40
CA GLU G 116 -32.70 -0.84 -4.22
C GLU G 116 -32.40 -0.59 -5.69
N LEU G 117 -32.41 0.69 -6.03
CA LEU G 117 -32.12 1.13 -7.40
C LEU G 117 -30.61 1.07 -7.66
N ALA G 118 -29.80 1.28 -6.62
CA ALA G 118 -28.33 1.26 -6.76
C ALA G 118 -27.85 -0.06 -7.36
N ASN G 119 -28.46 -1.14 -6.89
CA ASN G 119 -28.11 -2.48 -7.40
C ASN G 119 -28.61 -2.70 -8.83
N VAL G 120 -29.85 -2.27 -9.08
CA VAL G 120 -30.48 -2.39 -10.40
C VAL G 120 -29.58 -1.81 -11.48
N MET G 121 -28.96 -0.68 -11.14
CA MET G 121 -28.01 0.00 -12.03
C MET G 121 -26.80 -0.89 -12.27
N LEU G 122 -26.20 -1.34 -11.17
CA LEU G 122 -24.96 -2.14 -11.24
C LEU G 122 -25.09 -3.35 -12.18
N GLN G 123 -26.22 -4.04 -12.06
CA GLN G 123 -26.49 -5.18 -12.91
C GLN G 123 -26.62 -4.71 -14.35
N GLY G 124 -27.23 -3.55 -14.52
CA GLY G 124 -27.44 -2.98 -15.85
C GLY G 124 -26.12 -2.70 -16.57
N LEU G 125 -25.20 -2.07 -15.85
CA LEU G 125 -23.86 -1.75 -16.39
C LEU G 125 -23.03 -3.03 -16.63
N SER G 126 -23.29 -4.04 -15.82
CA SER G 126 -22.64 -5.34 -15.99
C SER G 126 -23.00 -5.94 -17.34
N SER G 127 -24.29 -5.98 -17.64
CA SER G 127 -24.81 -6.44 -18.95
C SER G 127 -24.13 -5.73 -20.11
N ARG G 128 -23.93 -4.43 -19.94
CA ARG G 128 -23.23 -3.63 -20.93
C ARG G 128 -21.80 -4.15 -21.14
N ILE G 129 -21.07 -4.30 -20.03
CA ILE G 129 -19.70 -4.77 -20.07
C ILE G 129 -19.61 -6.02 -20.90
N LEU G 130 -20.43 -7.00 -20.55
CA LEU G 130 -20.48 -8.27 -21.27
C LEU G 130 -20.89 -8.08 -22.74
N GLN G 131 -21.93 -7.28 -22.94
CA GLN G 131 -22.43 -6.99 -24.30
C GLN G 131 -21.34 -6.41 -25.18
N THR G 132 -20.55 -5.53 -24.57
CA THR G 132 -19.38 -4.91 -25.23
C THR G 132 -18.22 -5.91 -25.35
N GLU G 133 -18.11 -6.80 -24.38
CA GLU G 133 -17.04 -7.80 -24.39
C GLU G 133 -17.34 -8.91 -25.39
N MET G 134 -18.61 -9.23 -25.52
CA MET G 134 -19.05 -10.22 -26.50
C MET G 134 -18.75 -9.70 -27.91
N MET G 135 -18.74 -8.39 -28.07
CA MET G 135 -18.42 -7.75 -29.35
C MET G 135 -16.94 -7.92 -29.68
N ILE G 136 -16.12 -7.74 -28.66
CA ILE G 136 -14.69 -7.93 -28.80
C ILE G 136 -14.42 -9.29 -29.46
N GLU G 137 -15.03 -10.34 -28.90
CA GLU G 137 -14.87 -11.71 -29.40
C GLU G 137 -15.10 -11.74 -30.90
N THR G 138 -16.24 -11.17 -31.29
CA THR G 138 -16.65 -11.16 -32.69
C THR G 138 -15.57 -10.58 -33.59
N LEU G 139 -15.17 -9.34 -33.29
CA LEU G 139 -14.15 -8.65 -34.11
C LEU G 139 -12.77 -9.28 -33.96
N ALA G 140 -12.62 -10.08 -32.92
CA ALA G 140 -11.33 -10.71 -32.62
C ALA G 140 -11.02 -11.86 -33.57
N HIS G 141 -12.01 -12.19 -34.41
CA HIS G 141 -11.86 -13.26 -35.39
C HIS G 141 -11.02 -12.76 -36.52
N ARG G 142 -10.34 -13.68 -37.15
CA ARG G 142 -9.55 -13.32 -38.30
C ARG G 142 -10.44 -13.52 -39.54
N ASP G 143 -11.19 -14.61 -39.51
CA ASP G 143 -12.03 -14.96 -40.65
C ASP G 143 -13.28 -14.09 -40.72
N MET G 144 -13.37 -13.26 -41.74
CA MET G 144 -14.52 -12.34 -41.91
C MET G 144 -15.85 -13.06 -41.99
N GLY G 145 -15.79 -14.30 -42.45
CA GLY G 145 -16.96 -15.16 -42.47
C GLY G 145 -17.45 -15.47 -41.07
N SER G 146 -16.53 -15.95 -40.23
CA SER G 146 -16.83 -16.27 -38.83
C SER G 146 -17.24 -15.01 -38.10
N ARG G 147 -16.61 -13.91 -38.45
CA ARG G 147 -16.82 -12.63 -37.76
C ARG G 147 -18.23 -12.10 -38.02
N LEU G 148 -18.64 -12.16 -39.28
CA LEU G 148 -20.00 -11.71 -39.66
C LEU G 148 -21.04 -12.49 -38.90
N VAL G 149 -20.91 -13.81 -38.93
CA VAL G 149 -21.86 -14.71 -38.28
C VAL G 149 -21.91 -14.46 -36.79
N SER G 150 -20.75 -14.44 -36.17
CA SER G 150 -20.62 -14.16 -34.72
C SER G 150 -21.41 -12.92 -34.37
N PHE G 151 -21.39 -11.97 -35.28
CA PHE G 151 -22.13 -10.72 -35.12
C PHE G 151 -23.63 -10.95 -35.28
N LEU G 152 -24.00 -11.63 -36.35
CA LEU G 152 -25.40 -11.93 -36.63
C LEU G 152 -26.05 -12.70 -35.48
N LEU G 153 -25.29 -13.59 -34.86
CA LEU G 153 -25.73 -14.31 -33.66
C LEU G 153 -26.19 -13.34 -32.57
N ILE G 154 -25.34 -12.36 -32.26
CA ILE G 154 -25.62 -11.36 -31.23
C ILE G 154 -26.84 -10.54 -31.59
N LEU G 155 -27.00 -10.25 -32.87
CA LEU G 155 -28.20 -9.55 -33.37
C LEU G 155 -29.49 -10.33 -33.07
N CYS G 156 -29.43 -11.63 -33.32
CA CYS G 156 -30.55 -12.52 -33.01
C CYS G 156 -30.80 -12.52 -31.52
N ARG G 157 -29.72 -12.46 -30.77
CA ARG G 157 -29.78 -12.46 -29.32
C ARG G 157 -30.49 -11.21 -28.83
N ASP G 158 -30.17 -10.07 -29.42
CA ASP G 158 -30.76 -8.81 -28.91
C ASP G 158 -32.10 -8.52 -29.61
N PHE G 159 -32.08 -8.28 -30.91
CA PHE G 159 -33.29 -7.85 -31.65
C PHE G 159 -34.10 -8.99 -32.29
N GLY G 160 -33.68 -10.24 -32.15
CA GLY G 160 -34.33 -11.36 -32.86
C GLY G 160 -35.76 -11.71 -32.44
N ILE G 161 -36.60 -12.11 -33.40
CA ILE G 161 -37.97 -12.57 -33.16
C ILE G 161 -38.20 -13.94 -33.81
N PRO G 162 -39.07 -14.80 -33.23
CA PRO G 162 -39.36 -16.09 -33.83
C PRO G 162 -40.05 -15.97 -35.19
N SER G 163 -39.45 -16.55 -36.23
CA SER G 163 -40.09 -16.61 -37.57
C SER G 163 -40.06 -18.09 -37.90
N PRO G 164 -41.07 -18.67 -38.61
CA PRO G 164 -41.09 -20.13 -38.72
C PRO G 164 -39.90 -20.82 -39.40
N ASP G 165 -39.42 -20.30 -40.52
CA ASP G 165 -38.19 -20.91 -41.09
C ASP G 165 -37.01 -20.69 -40.13
N GLY G 166 -36.89 -19.47 -39.60
CA GLY G 166 -35.72 -19.11 -38.77
C GLY G 166 -35.94 -17.88 -37.91
N ILE G 167 -35.07 -17.59 -36.94
CA ILE G 167 -35.17 -16.28 -36.19
C ILE G 167 -34.86 -15.10 -37.12
N THR G 168 -35.77 -14.13 -37.26
CA THR G 168 -35.60 -12.90 -38.06
C THR G 168 -35.22 -11.79 -37.08
N ILE G 169 -34.04 -11.17 -37.24
CA ILE G 169 -33.75 -10.05 -36.32
C ILE G 169 -34.76 -8.93 -36.62
N ASP G 170 -35.41 -8.35 -35.60
CA ASP G 170 -36.46 -7.38 -35.94
C ASP G 170 -35.83 -6.00 -36.14
N LEU G 171 -35.03 -5.84 -37.19
CA LEU G 171 -34.41 -4.53 -37.50
C LEU G 171 -34.04 -4.54 -38.98
N LYS G 172 -33.84 -3.37 -39.60
CA LYS G 172 -33.37 -3.36 -40.99
C LYS G 172 -31.93 -2.84 -40.99
N LEU G 173 -31.00 -3.58 -41.58
CA LEU G 173 -29.59 -3.21 -41.54
C LEU G 173 -29.07 -2.93 -42.94
N SER G 174 -28.45 -1.75 -43.14
CA SER G 174 -27.88 -1.42 -44.45
C SER G 174 -26.48 -2.05 -44.50
N HIS G 175 -26.12 -2.64 -45.62
CA HIS G 175 -24.85 -3.35 -45.71
C HIS G 175 -23.73 -2.56 -45.11
N GLN G 176 -23.77 -1.25 -45.34
CA GLN G 176 -22.79 -0.36 -44.76
C GLN G 176 -22.88 -0.37 -43.25
N ALA G 177 -24.10 -0.21 -42.75
CA ALA G 177 -24.36 -0.15 -41.31
C ALA G 177 -23.71 -1.34 -40.63
N ILE G 178 -23.72 -2.47 -41.34
CA ILE G 178 -23.09 -3.71 -40.87
C ILE G 178 -21.58 -3.60 -40.99
N ALA G 179 -21.13 -3.15 -42.16
CA ALA G 179 -19.71 -2.98 -42.47
C ALA G 179 -19.05 -2.14 -41.40
N GLU G 180 -19.79 -1.16 -40.91
CA GLU G 180 -19.28 -0.22 -39.92
C GLU G 180 -19.17 -0.87 -38.55
N ALA G 181 -19.91 -1.95 -38.36
CA ALA G 181 -20.01 -2.61 -37.05
C ALA G 181 -18.97 -3.70 -36.84
N ILE G 182 -18.60 -4.36 -37.94
CA ILE G 182 -17.66 -5.50 -37.90
C ILE G 182 -16.26 -5.21 -38.47
N GLY G 183 -16.02 -3.93 -38.76
CA GLY G 183 -14.70 -3.46 -39.21
C GLY G 183 -14.34 -3.97 -40.58
N SER G 184 -15.24 -3.73 -41.53
CA SER G 184 -15.03 -4.14 -42.91
C SER G 184 -15.72 -3.21 -43.89
N THR G 185 -15.58 -3.53 -45.18
CA THR G 185 -16.20 -2.70 -46.20
C THR G 185 -17.59 -3.23 -46.55
N ARG G 186 -18.41 -2.34 -47.09
CA ARG G 186 -19.78 -2.68 -47.50
C ARG G 186 -19.78 -3.66 -48.66
N VAL G 187 -18.80 -3.54 -49.53
CA VAL G 187 -18.68 -4.45 -50.68
C VAL G 187 -18.55 -5.89 -50.21
N THR G 188 -17.64 -6.11 -49.26
CA THR G 188 -17.35 -7.45 -48.71
C THR G 188 -18.56 -7.99 -47.97
N VAL G 189 -19.32 -7.08 -47.39
CA VAL G 189 -20.53 -7.44 -46.67
C VAL G 189 -21.54 -8.04 -47.63
N THR G 190 -21.84 -7.31 -48.68
CA THR G 190 -22.76 -7.80 -49.69
C THR G 190 -22.25 -9.10 -50.28
N ARG G 191 -20.93 -9.18 -50.36
CA ARG G 191 -20.25 -10.34 -50.91
C ARG G 191 -20.44 -11.57 -50.03
N LEU G 192 -20.08 -11.42 -48.76
CA LEU G 192 -20.20 -12.52 -47.80
C LEU G 192 -21.66 -12.93 -47.60
N LEU G 193 -22.54 -11.97 -47.51
CA LEU G 193 -23.98 -12.24 -47.35
C LEU G 193 -24.49 -13.09 -48.50
N GLY G 194 -24.06 -12.75 -49.70
CA GLY G 194 -24.41 -13.52 -50.89
C GLY G 194 -23.99 -14.97 -50.77
N ASP G 195 -22.85 -15.19 -50.12
CA ASP G 195 -22.34 -16.55 -49.86
C ASP G 195 -23.19 -17.32 -48.85
N LEU G 196 -23.69 -16.60 -47.86
CA LEU G 196 -24.51 -17.23 -46.83
C LEU G 196 -25.92 -17.51 -47.34
N ARG G 197 -26.35 -16.77 -48.35
CA ARG G 197 -27.62 -17.02 -49.00
C ARG G 197 -27.54 -18.34 -49.77
N GLU G 198 -26.47 -18.45 -50.55
CA GLU G 198 -26.20 -19.62 -51.38
C GLU G 198 -26.02 -20.83 -50.49
N SER G 199 -25.21 -20.67 -49.44
CA SER G 199 -24.97 -21.77 -48.48
C SER G 199 -26.26 -22.08 -47.73
N LYS G 200 -27.24 -21.21 -47.95
CA LYS G 200 -28.59 -21.43 -47.42
C LYS G 200 -28.62 -21.51 -45.89
N LEU G 201 -28.00 -20.53 -45.23
CA LEU G 201 -28.00 -20.44 -43.77
C LEU G 201 -28.85 -19.25 -43.28
N ILE G 202 -29.09 -18.33 -44.19
CA ILE G 202 -29.94 -17.16 -43.96
C ILE G 202 -30.84 -16.84 -45.17
N ALA G 203 -31.72 -15.87 -44.98
CA ALA G 203 -32.63 -15.44 -46.03
C ALA G 203 -33.01 -13.98 -45.85
N ILE G 204 -33.04 -13.26 -46.97
CA ILE G 204 -33.25 -11.80 -46.94
C ILE G 204 -34.46 -11.35 -47.77
N HIS G 205 -35.50 -10.97 -47.05
CA HIS G 205 -36.67 -10.30 -47.63
C HIS G 205 -37.28 -9.34 -46.63
N LYS G 206 -37.94 -8.32 -47.15
CA LYS G 206 -38.38 -7.19 -46.33
C LYS G 206 -37.14 -6.50 -45.72
N LYS G 207 -35.99 -6.62 -46.38
CA LYS G 207 -34.76 -6.01 -45.85
C LYS G 207 -34.51 -6.46 -44.40
N ARG G 208 -35.08 -7.59 -44.01
CA ARG G 208 -34.85 -8.09 -42.63
C ARG G 208 -34.16 -9.45 -42.72
N ILE G 209 -33.08 -9.62 -41.95
CA ILE G 209 -32.31 -10.88 -41.99
C ILE G 209 -33.00 -11.97 -41.16
N THR G 210 -32.97 -13.22 -41.65
CA THR G 210 -33.54 -14.36 -40.92
C THR G 210 -32.61 -15.56 -40.99
N VAL G 211 -32.06 -15.93 -39.84
CA VAL G 211 -31.18 -17.09 -39.74
C VAL G 211 -31.99 -18.37 -39.48
N PHE G 212 -31.49 -19.49 -39.99
CA PHE G 212 -32.15 -20.77 -39.79
C PHE G 212 -31.40 -21.55 -38.73
N ASN G 213 -32.11 -22.00 -37.72
CA ASN G 213 -31.44 -22.64 -36.60
C ASN G 213 -30.16 -21.91 -36.16
N PRO G 214 -30.29 -20.76 -35.47
CA PRO G 214 -29.12 -20.02 -35.01
C PRO G 214 -28.31 -20.86 -34.03
N VAL G 215 -28.97 -21.78 -33.36
CA VAL G 215 -28.27 -22.58 -32.31
C VAL G 215 -27.11 -23.33 -32.98
N ALA G 216 -27.34 -23.86 -34.18
CA ALA G 216 -26.28 -24.67 -34.83
C ALA G 216 -25.08 -23.76 -35.08
N LEU G 217 -25.34 -22.53 -35.51
CA LEU G 217 -24.23 -21.59 -35.80
C LEU G 217 -23.47 -21.35 -34.50
N SER G 218 -24.21 -21.22 -33.38
CA SER G 218 -23.59 -20.97 -32.06
C SER G 218 -22.69 -22.15 -31.69
N GLN G 219 -23.13 -23.37 -31.99
CA GLN G 219 -22.36 -24.57 -31.57
C GLN G 219 -20.99 -24.55 -32.24
N GLN G 220 -20.91 -24.15 -33.51
CA GLN G 220 -19.60 -24.20 -34.21
C GLN G 220 -18.61 -23.29 -33.49
N PHE G 221 -19.08 -22.11 -33.07
CA PHE G 221 -18.20 -21.14 -32.35
C PHE G 221 -17.71 -21.72 -31.02
N SER G 222 -18.58 -22.41 -30.28
CA SER G 222 -18.20 -22.92 -28.94
C SER G 222 -16.68 -23.08 -28.86
N ASN H 6 -8.78 6.03 -6.75
CA ASN H 6 -8.67 6.90 -5.54
C ASN H 6 -9.58 6.36 -4.45
N SER H 7 -10.85 6.13 -4.75
CA SER H 7 -11.81 5.65 -3.75
C SER H 7 -12.06 4.14 -3.85
N LEU H 8 -11.97 3.62 -5.07
CA LEU H 8 -12.14 2.19 -5.31
C LEU H 8 -11.21 1.39 -4.42
N LEU H 9 -10.00 1.93 -4.27
CA LEU H 9 -8.97 1.28 -3.43
C LEU H 9 -9.32 1.42 -1.94
N THR H 10 -9.97 2.53 -1.61
CA THR H 10 -10.34 2.86 -0.22
C THR H 10 -11.59 2.07 0.24
N MET H 11 -12.56 1.96 -0.66
CA MET H 11 -13.86 1.34 -0.37
C MET H 11 -13.76 -0.18 -0.22
N PHE H 12 -13.03 -0.80 -1.13
CA PHE H 12 -12.83 -2.24 -1.10
C PHE H 12 -12.16 -2.67 0.19
N ARG H 13 -11.35 -1.77 0.72
CA ARG H 13 -10.54 -2.04 1.91
C ARG H 13 -11.38 -2.31 3.15
N GLU H 14 -12.63 -1.85 3.09
CA GLU H 14 -13.49 -1.87 4.28
C GLU H 14 -14.60 -2.91 4.19
N LEU H 15 -14.39 -3.92 3.37
CA LEU H 15 -15.36 -5.01 3.20
C LEU H 15 -14.89 -6.29 3.87
N LEU H 20 -14.86 -5.47 10.05
CA LEU H 20 -13.56 -6.11 9.76
C LEU H 20 -12.98 -5.59 8.44
N PRO H 21 -11.63 -5.69 8.29
CA PRO H 21 -10.96 -5.39 7.03
C PRO H 21 -10.82 -6.61 6.13
N LEU H 22 -10.27 -6.37 4.94
CA LEU H 22 -10.06 -7.42 3.93
C LEU H 22 -8.59 -7.42 3.48
N GLN H 23 -7.96 -8.59 3.58
CA GLN H 23 -6.53 -8.71 3.19
C GLN H 23 -6.38 -8.88 1.67
N ILE H 24 -5.26 -8.39 1.17
CA ILE H 24 -4.97 -8.35 -0.27
C ILE H 24 -4.35 -9.68 -0.75
N GLU H 25 -4.92 -10.22 -1.83
CA GLU H 25 -4.44 -11.48 -2.40
C GLU H 25 -3.22 -11.24 -3.28
N GLN H 26 -2.28 -12.17 -3.22
CA GLN H 26 -1.12 -12.15 -4.09
C GLN H 26 -1.31 -13.14 -5.21
N PHE H 27 -0.96 -12.73 -6.41
CA PHE H 27 -1.01 -13.64 -7.57
C PHE H 27 0.30 -13.58 -8.34
N GLU H 28 0.94 -14.72 -8.50
CA GLU H 28 2.21 -14.81 -9.20
C GLU H 28 2.00 -14.73 -10.71
N ARG H 29 3.10 -14.42 -11.39
CA ARG H 29 3.08 -14.24 -12.84
C ARG H 29 2.47 -15.46 -13.51
N GLY H 30 1.57 -15.20 -14.43
CA GLY H 30 1.00 -16.28 -15.25
C GLY H 30 0.02 -17.17 -14.51
N LYS H 31 -0.05 -17.01 -13.19
CA LYS H 31 -0.95 -17.83 -12.38
C LYS H 31 -2.39 -17.44 -12.60
N THR H 32 -3.24 -18.41 -12.85
CA THR H 32 -4.61 -18.10 -13.23
C THR H 32 -5.47 -17.84 -12.01
N ILE H 33 -6.32 -16.83 -12.13
CA ILE H 33 -7.23 -16.46 -11.05
C ILE H 33 -8.48 -17.30 -11.10
N PHE H 34 -9.21 -17.15 -12.20
CA PHE H 34 -10.34 -18.02 -12.46
C PHE H 34 -10.36 -18.53 -13.90
N PHE H 35 -10.80 -19.75 -14.06
CA PHE H 35 -10.95 -20.39 -15.37
C PHE H 35 -12.39 -20.36 -15.85
N PRO H 36 -12.62 -20.72 -17.10
CA PRO H 36 -13.96 -21.01 -17.55
C PRO H 36 -14.51 -22.21 -16.82
N GLY H 37 -15.74 -22.10 -16.33
CA GLY H 37 -16.44 -23.21 -15.66
C GLY H 37 -16.63 -23.02 -14.16
N ASP H 38 -15.72 -22.22 -13.58
CA ASP H 38 -15.78 -21.94 -12.13
C ASP H 38 -17.07 -21.21 -11.79
N PRO H 39 -17.66 -21.45 -10.60
CA PRO H 39 -18.83 -20.74 -10.15
C PRO H 39 -18.46 -19.29 -9.89
N ALA H 40 -19.05 -18.40 -10.68
CA ALA H 40 -18.78 -16.96 -10.55
C ALA H 40 -19.38 -16.43 -9.28
N GLU H 41 -18.60 -16.46 -8.20
CA GLU H 41 -19.15 -16.13 -6.87
C GLU H 41 -18.48 -14.95 -6.19
N ARG H 42 -17.60 -14.28 -6.92
CA ARG H 42 -16.86 -13.16 -6.33
C ARG H 42 -16.66 -11.96 -7.25
N VAL H 43 -16.43 -10.81 -6.63
CA VAL H 43 -16.08 -9.58 -7.35
C VAL H 43 -14.70 -9.08 -6.97
N TYR H 44 -13.90 -8.81 -7.98
CA TYR H 44 -12.48 -8.54 -7.79
C TYR H 44 -12.14 -7.06 -8.07
N LEU H 45 -11.04 -6.60 -7.49
CA LEU H 45 -10.50 -5.26 -7.76
C LEU H 45 -8.96 -5.24 -7.91
N LEU H 46 -8.51 -5.21 -9.16
CA LEU H 46 -7.08 -5.19 -9.48
C LEU H 46 -6.46 -3.94 -8.87
N VAL H 47 -5.45 -4.14 -8.04
CA VAL H 47 -4.81 -3.02 -7.32
C VAL H 47 -3.51 -2.57 -8.00
N LYS H 48 -2.67 -3.55 -8.31
CA LYS H 48 -1.38 -3.29 -8.92
C LYS H 48 -1.00 -4.38 -9.89
N GLY H 49 -0.54 -3.97 -11.08
CA GLY H 49 -0.19 -4.91 -12.12
C GLY H 49 -1.23 -4.96 -13.22
N ALA H 50 -1.34 -6.14 -13.83
CA ALA H 50 -2.29 -6.36 -14.92
C ALA H 50 -2.96 -7.72 -14.84
N VAL H 51 -4.14 -7.79 -15.42
CA VAL H 51 -4.91 -9.03 -15.49
C VAL H 51 -5.47 -9.25 -16.89
N LYS H 52 -5.18 -10.40 -17.47
CA LYS H 52 -5.61 -10.74 -18.84
C LYS H 52 -6.88 -11.59 -18.87
N LEU H 53 -7.97 -10.98 -19.30
CA LEU H 53 -9.22 -11.70 -19.53
C LEU H 53 -9.22 -12.25 -20.95
N SER H 54 -9.51 -13.53 -21.07
CA SER H 54 -9.46 -14.18 -22.38
C SER H 54 -10.53 -15.23 -22.58
N ARG H 55 -10.98 -15.33 -23.83
CA ARG H 55 -11.90 -16.41 -24.26
C ARG H 55 -11.03 -17.52 -24.78
N VAL H 56 -11.27 -18.73 -24.29
CA VAL H 56 -10.44 -19.88 -24.69
C VAL H 56 -11.25 -20.88 -25.47
N TYR H 57 -10.83 -21.15 -26.70
CA TYR H 57 -11.52 -22.13 -27.54
C TYR H 57 -11.07 -23.52 -27.21
N GLU H 58 -11.86 -24.50 -27.64
CA GLU H 58 -11.52 -25.92 -27.44
C GLU H 58 -10.25 -26.25 -28.22
N SER H 59 -10.09 -25.57 -29.35
CA SER H 59 -8.87 -25.71 -30.15
C SER H 59 -7.63 -25.33 -29.32
N GLY H 60 -7.85 -24.60 -28.24
CA GLY H 60 -6.77 -24.14 -27.34
C GLY H 60 -6.28 -22.70 -27.59
N GLU H 61 -6.76 -22.12 -28.72
CA GLU H 61 -6.42 -20.75 -29.07
C GLU H 61 -7.08 -19.78 -28.10
N GLU H 62 -6.30 -18.82 -27.63
CA GLU H 62 -6.78 -17.85 -26.64
C GLU H 62 -6.97 -16.46 -27.28
N ILE H 63 -8.12 -15.87 -27.02
CA ILE H 63 -8.46 -14.54 -27.55
C ILE H 63 -8.67 -13.53 -26.42
N THR H 64 -7.77 -12.55 -26.36
CA THR H 64 -7.78 -11.55 -25.29
C THR H 64 -8.93 -10.56 -25.47
N VAL H 65 -9.84 -10.54 -24.49
CA VAL H 65 -10.99 -9.61 -24.48
C VAL H 65 -10.60 -8.22 -23.97
N ALA H 66 -9.82 -8.20 -22.90
CA ALA H 66 -9.25 -6.96 -22.44
C ALA H 66 -8.17 -7.20 -21.41
N LEU H 67 -7.18 -6.35 -21.43
CA LEU H 67 -6.07 -6.42 -20.48
C LEU H 67 -6.16 -5.27 -19.47
N LEU H 68 -6.77 -5.57 -18.33
CA LEU H 68 -7.12 -4.58 -17.32
C LEU H 68 -5.90 -3.96 -16.65
N ARG H 69 -6.09 -2.72 -16.20
CA ARG H 69 -5.03 -1.96 -15.52
C ARG H 69 -5.30 -1.83 -14.02
N GLU H 70 -4.54 -0.95 -13.38
CA GLU H 70 -4.68 -0.69 -11.97
C GLU H 70 -6.00 0.00 -11.66
N ASN H 71 -6.56 -0.33 -10.51
CA ASN H 71 -7.85 0.19 -10.05
C ASN H 71 -9.00 -0.15 -10.99
N SER H 72 -8.96 -1.36 -11.53
CA SER H 72 -10.02 -1.87 -12.42
C SER H 72 -10.87 -2.92 -11.73
N VAL H 73 -12.16 -2.87 -11.99
CA VAL H 73 -13.10 -3.82 -11.39
C VAL H 73 -13.47 -4.90 -12.37
N PHE H 74 -13.36 -6.16 -11.93
CA PHE H 74 -13.77 -7.30 -12.76
C PHE H 74 -14.40 -8.45 -11.98
N GLY H 75 -14.83 -9.47 -12.72
CA GLY H 75 -15.56 -10.59 -12.16
C GLY H 75 -17.03 -10.24 -12.09
N VAL H 76 -17.40 -9.33 -13.00
CA VAL H 76 -18.70 -8.63 -12.99
C VAL H 76 -19.90 -9.57 -13.11
N LEU H 77 -19.68 -10.77 -13.65
CA LEU H 77 -20.79 -11.71 -13.89
C LEU H 77 -21.50 -12.07 -12.60
N SER H 78 -20.77 -12.02 -11.49
CA SER H 78 -21.32 -12.44 -10.19
C SER H 78 -22.43 -11.54 -9.68
N LEU H 79 -22.48 -10.31 -10.17
CA LEU H 79 -23.52 -9.37 -9.73
C LEU H 79 -24.84 -9.60 -10.45
N LEU H 80 -24.77 -10.30 -11.57
CA LEU H 80 -25.95 -10.56 -12.38
C LEU H 80 -26.69 -11.82 -11.90
N THR H 81 -26.01 -12.96 -11.94
CA THR H 81 -26.62 -14.27 -11.64
C THR H 81 -26.16 -14.89 -10.32
N GLY H 82 -25.00 -14.44 -9.87
CA GLY H 82 -24.49 -14.84 -8.58
C GLY H 82 -23.68 -16.10 -8.69
N GLN H 83 -23.42 -16.70 -7.53
CA GLN H 83 -22.53 -17.88 -7.49
C GLN H 83 -23.06 -19.07 -8.31
N ARG H 84 -24.26 -18.92 -8.83
CA ARG H 84 -24.91 -20.03 -9.55
C ARG H 84 -24.28 -20.31 -10.89
N SER H 85 -24.14 -19.24 -11.66
CA SER H 85 -23.70 -19.39 -13.04
C SER H 85 -22.19 -19.58 -13.09
N ASP H 86 -21.74 -20.08 -14.23
CA ASP H 86 -20.33 -20.42 -14.42
C ASP H 86 -19.63 -19.48 -15.38
N ARG H 87 -18.37 -19.19 -15.05
CA ARG H 87 -17.55 -18.28 -15.85
C ARG H 87 -17.44 -18.78 -17.28
N PHE H 88 -16.91 -17.93 -18.14
CA PHE H 88 -16.64 -18.35 -19.52
C PHE H 88 -15.39 -17.72 -20.08
N TYR H 89 -14.83 -16.78 -19.33
CA TYR H 89 -13.58 -16.15 -19.72
C TYR H 89 -12.43 -16.65 -18.86
N HIS H 90 -11.24 -16.37 -19.32
CA HIS H 90 -10.03 -16.79 -18.64
C HIS H 90 -9.32 -15.61 -18.02
N ALA H 91 -9.34 -15.56 -16.70
CA ALA H 91 -8.72 -14.48 -15.98
C ALA H 91 -7.33 -14.84 -15.52
N VAL H 92 -6.33 -14.42 -16.27
CA VAL H 92 -4.93 -14.72 -15.96
C VAL H 92 -4.18 -13.52 -15.42
N ALA H 93 -3.29 -13.75 -14.47
CA ALA H 93 -2.38 -12.71 -14.00
C ALA H 93 -1.25 -12.50 -14.99
N PHE H 94 -1.38 -11.50 -15.85
CA PHE H 94 -0.39 -11.22 -16.89
C PHE H 94 0.96 -10.79 -16.32
N THR H 95 0.87 -10.13 -15.18
CA THR H 95 2.05 -9.70 -14.43
C THR H 95 1.83 -10.01 -12.96
N PRO H 96 2.89 -9.84 -12.14
CA PRO H 96 2.66 -9.95 -10.72
C PRO H 96 1.57 -8.97 -10.35
N VAL H 97 0.56 -9.46 -9.63
CA VAL H 97 -0.65 -8.68 -9.36
C VAL H 97 -1.14 -8.78 -7.91
N GLN H 98 -1.60 -7.66 -7.39
CA GLN H 98 -2.22 -7.60 -6.09
C GLN H 98 -3.67 -7.19 -6.31
N LEU H 99 -4.60 -7.85 -5.61
CA LEU H 99 -6.02 -7.53 -5.78
C LEU H 99 -6.88 -7.91 -4.58
N PHE H 100 -8.11 -7.40 -4.56
CA PHE H 100 -9.09 -7.74 -3.51
C PHE H 100 -10.15 -8.68 -4.06
N SER H 101 -10.87 -9.31 -3.13
CA SER H 101 -11.89 -10.30 -3.49
C SER H 101 -12.99 -10.40 -2.45
N VAL H 102 -14.12 -9.80 -2.79
CA VAL H 102 -15.29 -9.85 -1.92
C VAL H 102 -16.40 -10.68 -2.52
N PRO H 103 -16.95 -11.66 -1.77
CA PRO H 103 -18.04 -12.49 -2.24
C PRO H 103 -19.23 -11.63 -2.64
N ILE H 104 -19.90 -12.03 -3.70
CA ILE H 104 -21.01 -11.25 -4.24
C ILE H 104 -22.07 -11.00 -3.17
N GLU H 105 -22.42 -12.02 -2.41
CA GLU H 105 -23.47 -11.93 -1.36
C GLU H 105 -23.11 -10.94 -0.26
N PHE H 106 -21.86 -11.00 0.19
CA PHE H 106 -21.32 -10.04 1.16
C PHE H 106 -21.38 -8.61 0.63
N MET H 107 -21.35 -8.52 -0.70
CA MET H 107 -21.38 -7.25 -1.40
C MET H 107 -22.79 -6.69 -1.48
N GLN H 108 -23.70 -7.47 -2.04
CA GLN H 108 -25.12 -7.06 -2.22
C GLN H 108 -25.63 -6.39 -0.94
N LYS H 109 -25.20 -6.95 0.18
CA LYS H 109 -25.56 -6.43 1.49
C LYS H 109 -24.76 -5.16 1.80
N ALA H 110 -23.48 -5.18 1.45
CA ALA H 110 -22.58 -4.05 1.71
C ALA H 110 -22.90 -2.83 0.86
N LEU H 111 -23.66 -3.04 -0.20
CA LEU H 111 -24.05 -1.93 -1.10
C LEU H 111 -25.15 -1.06 -0.50
N ILE H 112 -26.11 -1.73 0.12
CA ILE H 112 -27.26 -1.04 0.73
C ILE H 112 -26.91 -0.42 2.08
N GLU H 113 -25.95 -1.03 2.76
CA GLU H 113 -25.47 -0.53 4.05
C GLU H 113 -24.77 0.81 3.85
N ARG H 114 -23.91 0.83 2.83
CA ARG H 114 -23.12 2.02 2.48
C ARG H 114 -23.39 2.45 1.02
N PRO H 115 -24.41 3.29 0.82
CA PRO H 115 -24.79 3.80 -0.52
C PRO H 115 -23.77 4.73 -1.15
N GLU H 116 -22.75 5.05 -0.37
CA GLU H 116 -21.63 5.87 -0.84
C GLU H 116 -20.70 5.02 -1.67
N LEU H 117 -20.65 3.74 -1.29
CA LEU H 117 -19.81 2.75 -1.97
C LEU H 117 -20.46 2.32 -3.29
N ALA H 118 -21.79 2.31 -3.29
CA ALA H 118 -22.58 2.02 -4.49
C ALA H 118 -22.27 3.00 -5.62
N ASN H 119 -22.04 4.25 -5.25
CA ASN H 119 -21.72 5.33 -6.18
C ASN H 119 -20.32 5.12 -6.78
N VAL H 120 -19.37 4.80 -5.91
CA VAL H 120 -17.97 4.56 -6.29
C VAL H 120 -17.88 3.46 -7.34
N MET H 121 -18.66 2.42 -7.12
CA MET H 121 -18.66 1.23 -7.99
C MET H 121 -19.13 1.53 -9.40
N LEU H 122 -20.31 2.13 -9.51
CA LEU H 122 -20.88 2.52 -10.81
C LEU H 122 -19.85 3.23 -11.70
N GLN H 123 -19.07 4.12 -11.08
CA GLN H 123 -18.02 4.83 -11.82
C GLN H 123 -16.97 3.86 -12.31
N GLY H 124 -16.61 2.92 -11.45
CA GLY H 124 -15.62 1.90 -11.78
C GLY H 124 -16.03 1.07 -13.00
N LEU H 125 -17.29 0.61 -12.99
CA LEU H 125 -17.84 -0.17 -14.10
C LEU H 125 -17.93 0.68 -15.34
N SER H 126 -18.19 1.95 -15.15
CA SER H 126 -18.29 2.85 -16.30
C SER H 126 -16.97 2.84 -17.04
N SER H 127 -15.89 3.03 -16.28
CA SER H 127 -14.53 3.06 -16.85
C SER H 127 -14.28 1.82 -17.67
N ARG H 128 -14.78 0.69 -17.15
CA ARG H 128 -14.65 -0.59 -17.82
C ARG H 128 -15.34 -0.54 -19.17
N ILE H 129 -16.57 -0.10 -19.18
CA ILE H 129 -17.34 0.03 -20.42
C ILE H 129 -16.56 0.80 -21.49
N LEU H 130 -16.13 1.99 -21.13
CA LEU H 130 -15.39 2.87 -22.04
C LEU H 130 -14.06 2.24 -22.48
N GLN H 131 -13.33 1.69 -21.53
CA GLN H 131 -12.06 1.05 -21.85
C GLN H 131 -12.26 -0.12 -22.83
N THR H 132 -13.32 -0.88 -22.62
CA THR H 132 -13.68 -2.01 -23.49
C THR H 132 -14.18 -1.48 -24.81
N GLU H 133 -14.76 -0.31 -24.75
CA GLU H 133 -15.24 0.35 -25.99
C GLU H 133 -14.07 0.92 -26.80
N MET H 134 -13.05 1.39 -26.10
CA MET H 134 -11.84 1.90 -26.76
C MET H 134 -11.20 0.80 -27.58
N MET H 135 -11.31 -0.39 -27.02
CA MET H 135 -10.77 -1.56 -27.67
C MET H 135 -11.50 -1.80 -28.97
N ILE H 136 -12.82 -1.69 -28.91
CA ILE H 136 -13.65 -1.88 -30.10
C ILE H 136 -13.09 -1.04 -31.22
N GLU H 137 -12.81 0.22 -30.91
CA GLU H 137 -12.24 1.16 -31.88
C GLU H 137 -11.03 0.57 -32.59
N THR H 138 -10.08 0.15 -31.77
CA THR H 138 -8.82 -0.40 -32.24
C THR H 138 -9.07 -1.53 -33.25
N LEU H 139 -9.78 -2.56 -32.82
CA LEU H 139 -10.04 -3.74 -33.67
C LEU H 139 -10.94 -3.40 -34.83
N ALA H 140 -11.61 -2.25 -34.74
CA ALA H 140 -12.54 -1.82 -35.77
C ALA H 140 -11.84 -1.34 -37.03
N HIS H 141 -10.52 -1.24 -36.94
CA HIS H 141 -9.69 -0.89 -38.09
C HIS H 141 -9.52 -2.10 -39.00
N ARG H 142 -9.36 -1.84 -40.29
CA ARG H 142 -9.07 -2.92 -41.25
C ARG H 142 -7.56 -3.01 -41.48
N ASP H 143 -6.92 -1.84 -41.49
CA ASP H 143 -5.49 -1.75 -41.63
C ASP H 143 -4.80 -2.23 -40.35
N MET H 144 -4.21 -3.41 -40.42
CA MET H 144 -3.54 -4.00 -39.24
C MET H 144 -2.47 -3.08 -38.67
N GLY H 145 -1.87 -2.29 -39.55
CA GLY H 145 -0.88 -1.31 -39.12
C GLY H 145 -1.52 -0.31 -38.17
N SER H 146 -2.65 0.22 -38.60
CA SER H 146 -3.41 1.19 -37.81
C SER H 146 -3.90 0.54 -36.53
N ARG H 147 -4.27 -0.73 -36.64
CA ARG H 147 -4.82 -1.48 -35.49
C ARG H 147 -3.78 -1.71 -34.41
N LEU H 148 -2.60 -2.11 -34.84
CA LEU H 148 -1.49 -2.33 -33.93
C LEU H 148 -1.16 -1.09 -33.13
N VAL H 149 -0.95 0.01 -33.85
CA VAL H 149 -0.61 1.30 -33.26
C VAL H 149 -1.67 1.75 -32.25
N SER H 150 -2.91 1.78 -32.72
CA SER H 150 -4.06 2.15 -31.89
C SER H 150 -3.99 1.39 -30.57
N PHE H 151 -3.59 0.13 -30.66
CA PHE H 151 -3.46 -0.72 -29.48
C PHE H 151 -2.30 -0.30 -28.60
N LEU H 152 -1.16 -0.10 -29.23
CA LEU H 152 0.04 0.33 -28.53
C LEU H 152 -0.20 1.63 -27.77
N LEU H 153 -0.94 2.54 -28.40
CA LEU H 153 -1.34 3.79 -27.74
C LEU H 153 -1.97 3.49 -26.39
N ILE H 154 -2.97 2.62 -26.43
CA ILE H 154 -3.75 2.25 -25.26
C ILE H 154 -2.82 1.70 -24.19
N LEU H 155 -1.82 0.94 -24.63
CA LEU H 155 -0.85 0.34 -23.68
C LEU H 155 -0.02 1.39 -22.98
N CYS H 156 0.32 2.43 -23.73
CA CYS H 156 1.05 3.56 -23.17
C CYS H 156 0.20 4.27 -22.15
N ARG H 157 -1.08 4.35 -22.43
CA ARG H 157 -2.04 5.00 -21.53
C ARG H 157 -2.14 4.26 -20.19
N ASP H 158 -2.38 2.96 -20.28
CA ASP H 158 -2.65 2.16 -19.09
C ASP H 158 -1.40 1.77 -18.33
N PHE H 159 -0.39 1.32 -19.04
CA PHE H 159 0.79 0.73 -18.40
C PHE H 159 2.08 1.47 -18.71
N GLY H 160 1.96 2.66 -19.28
CA GLY H 160 3.17 3.38 -19.70
C GLY H 160 3.93 4.03 -18.56
N ILE H 161 5.24 3.96 -18.58
CA ILE H 161 6.09 4.69 -17.60
C ILE H 161 6.90 5.68 -18.42
N PRO H 162 7.08 6.94 -17.97
CA PRO H 162 7.77 7.91 -18.80
C PRO H 162 9.23 7.51 -19.03
N SER H 163 9.73 7.69 -20.24
CA SER H 163 11.15 7.43 -20.55
C SER H 163 11.63 8.63 -21.34
N PRO H 164 12.94 8.97 -21.35
CA PRO H 164 13.34 10.24 -21.95
C PRO H 164 13.01 10.37 -23.44
N ASP H 165 13.32 9.37 -24.24
CA ASP H 165 12.94 9.40 -25.67
C ASP H 165 11.42 9.36 -25.89
N GLY H 166 10.71 8.50 -25.17
CA GLY H 166 9.26 8.30 -25.40
C GLY H 166 8.60 7.62 -24.20
N ILE H 167 7.27 7.55 -24.15
CA ILE H 167 6.61 6.75 -23.10
C ILE H 167 6.96 5.27 -23.27
N THR H 168 7.21 4.55 -22.17
CA THR H 168 7.64 3.13 -22.26
C THR H 168 6.57 2.24 -21.62
N ILE H 169 6.15 1.18 -22.33
CA ILE H 169 5.08 0.29 -21.83
C ILE H 169 5.65 -0.60 -20.73
N ASP H 170 5.29 -0.33 -19.47
CA ASP H 170 5.85 -1.07 -18.33
C ASP H 170 5.18 -2.42 -18.13
N LEU H 171 5.53 -3.35 -19.02
CA LEU H 171 5.16 -4.78 -18.86
C LEU H 171 5.72 -5.61 -20.01
N LYS H 172 6.12 -6.83 -19.69
CA LYS H 172 6.71 -7.74 -20.67
C LYS H 172 5.62 -8.36 -21.56
N LEU H 173 5.80 -8.22 -22.86
CA LEU H 173 4.80 -8.69 -23.83
C LEU H 173 5.38 -9.56 -24.93
N SER H 174 4.89 -10.81 -24.98
CA SER H 174 5.26 -11.73 -26.05
C SER H 174 4.48 -11.40 -27.30
N HIS H 175 5.07 -11.70 -28.44
CA HIS H 175 4.46 -11.38 -29.72
C HIS H 175 3.13 -12.04 -29.86
N GLN H 176 3.03 -13.26 -29.34
CA GLN H 176 1.78 -14.01 -29.38
C GLN H 176 0.73 -13.34 -28.49
N ALA H 177 1.12 -13.03 -27.26
CA ALA H 177 0.21 -12.37 -26.28
C ALA H 177 -0.45 -11.14 -26.90
N ILE H 178 0.36 -10.43 -27.69
CA ILE H 178 -0.11 -9.26 -28.44
C ILE H 178 -1.03 -9.69 -29.56
N ALA H 179 -0.56 -10.63 -30.37
CA ALA H 179 -1.31 -11.09 -31.53
C ALA H 179 -2.69 -11.55 -31.09
N GLU H 180 -2.76 -12.10 -29.88
CA GLU H 180 -4.02 -12.59 -29.33
C GLU H 180 -4.97 -11.44 -28.97
N ALA H 181 -4.38 -10.25 -28.82
CA ALA H 181 -5.15 -9.07 -28.36
C ALA H 181 -5.78 -8.23 -29.50
N ILE H 182 -5.10 -8.19 -30.63
CA ILE H 182 -5.53 -7.36 -31.78
C ILE H 182 -6.09 -8.19 -32.95
N GLY H 183 -6.29 -9.49 -32.67
CA GLY H 183 -6.94 -10.41 -33.61
C GLY H 183 -6.14 -10.74 -34.84
N SER H 184 -4.92 -11.23 -34.61
CA SER H 184 -3.97 -11.56 -35.68
C SER H 184 -3.02 -12.66 -35.27
N THR H 185 -2.11 -13.01 -36.18
CA THR H 185 -1.11 -14.03 -35.92
C THR H 185 0.17 -13.43 -35.36
N ARG H 186 0.96 -14.28 -34.72
CA ARG H 186 2.23 -13.86 -34.10
C ARG H 186 3.27 -13.44 -35.17
N VAL H 187 3.18 -14.09 -36.31
CA VAL H 187 4.06 -13.77 -37.43
C VAL H 187 3.88 -12.32 -37.85
N THR H 188 2.62 -11.92 -38.03
CA THR H 188 2.25 -10.59 -38.50
C THR H 188 2.65 -9.55 -37.47
N VAL H 189 2.65 -9.94 -36.21
CA VAL H 189 3.05 -9.04 -35.11
C VAL H 189 4.54 -8.69 -35.22
N THR H 190 5.36 -9.71 -35.30
CA THR H 190 6.80 -9.52 -35.47
C THR H 190 7.08 -8.75 -36.74
N ARG H 191 6.32 -9.09 -37.75
CA ARG H 191 6.44 -8.48 -39.06
C ARG H 191 6.21 -6.98 -38.97
N LEU H 192 5.06 -6.62 -38.42
CA LEU H 192 4.66 -5.22 -38.32
C LEU H 192 5.58 -4.45 -37.36
N LEU H 193 5.94 -5.07 -36.26
CA LEU H 193 6.82 -4.41 -35.29
C LEU H 193 8.13 -3.99 -35.91
N GLY H 194 8.65 -4.86 -36.75
CA GLY H 194 9.86 -4.54 -37.51
C GLY H 194 9.67 -3.30 -38.37
N ASP H 195 8.48 -3.18 -38.95
CA ASP H 195 8.16 -2.05 -39.82
C ASP H 195 8.17 -0.76 -39.03
N LEU H 196 7.73 -0.85 -37.77
CA LEU H 196 7.65 0.34 -36.91
C LEU H 196 9.01 0.70 -36.30
N ARG H 197 9.93 -0.26 -36.33
CA ARG H 197 11.29 -0.04 -35.85
C ARG H 197 12.11 0.78 -36.85
N GLU H 198 11.92 0.47 -38.14
CA GLU H 198 12.63 1.17 -39.24
C GLU H 198 12.02 2.53 -39.53
N SER H 199 10.70 2.62 -39.36
CA SER H 199 9.99 3.91 -39.41
C SER H 199 10.33 4.78 -38.19
N LYS H 200 11.08 4.16 -37.27
CA LYS H 200 11.57 4.81 -36.05
C LYS H 200 10.46 5.50 -35.25
N LEU H 201 9.36 4.78 -35.08
CA LEU H 201 8.23 5.27 -34.27
C LEU H 201 8.28 4.63 -32.91
N ILE H 202 8.88 3.44 -32.89
CA ILE H 202 9.01 2.62 -31.68
C ILE H 202 10.47 2.19 -31.48
N ALA H 203 10.70 1.55 -30.34
CA ALA H 203 12.03 1.07 -29.97
C ALA H 203 11.90 -0.08 -29.00
N ILE H 204 12.73 -1.10 -29.19
CA ILE H 204 12.69 -2.28 -28.33
C ILE H 204 14.04 -2.60 -27.72
N HIS H 205 14.14 -2.32 -26.43
CA HIS H 205 15.32 -2.67 -25.65
C HIS H 205 14.91 -3.42 -24.41
N LYS H 206 15.59 -4.53 -24.17
CA LYS H 206 15.23 -5.42 -23.06
C LYS H 206 13.80 -5.94 -23.28
N LYS H 207 13.50 -6.26 -24.54
CA LYS H 207 12.20 -6.81 -24.95
C LYS H 207 11.03 -5.93 -24.51
N ARG H 208 11.30 -4.65 -24.32
CA ARG H 208 10.25 -3.72 -23.92
C ARG H 208 10.09 -2.63 -24.95
N ILE H 209 8.83 -2.41 -25.38
CA ILE H 209 8.59 -1.46 -26.50
C ILE H 209 8.42 -0.04 -25.98
N THR H 210 9.14 0.92 -26.58
CA THR H 210 8.91 2.33 -26.20
C THR H 210 8.39 3.07 -27.43
N VAL H 211 7.21 3.70 -27.33
CA VAL H 211 6.68 4.54 -28.43
C VAL H 211 7.44 5.85 -28.47
N PHE H 212 7.49 6.52 -29.62
CA PHE H 212 8.14 7.85 -29.67
C PHE H 212 7.06 8.91 -29.92
N ASN H 213 7.02 9.96 -29.10
CA ASN H 213 5.98 11.02 -29.22
C ASN H 213 4.59 10.39 -29.40
N PRO H 214 4.10 9.62 -28.41
CA PRO H 214 2.79 8.98 -28.51
C PRO H 214 1.69 9.97 -28.91
N VAL H 215 1.78 11.21 -28.39
CA VAL H 215 0.71 12.21 -28.65
C VAL H 215 0.61 12.38 -30.17
N ALA H 216 1.74 12.42 -30.86
CA ALA H 216 1.73 12.61 -32.33
C ALA H 216 0.98 11.45 -32.97
N LEU H 217 1.21 10.24 -32.45
CA LEU H 217 0.51 9.06 -32.97
C LEU H 217 -0.98 9.26 -32.73
N SER H 218 -1.34 9.83 -31.57
CA SER H 218 -2.77 9.98 -31.23
C SER H 218 -3.43 10.89 -32.27
N GLN H 219 -2.72 11.94 -32.70
CA GLN H 219 -3.31 12.90 -33.66
C GLN H 219 -3.63 12.16 -34.95
N GLN H 220 -2.74 11.27 -35.40
CA GLN H 220 -2.92 10.59 -36.70
C GLN H 220 -4.27 9.86 -36.70
N PHE H 221 -4.79 9.55 -35.52
CA PHE H 221 -6.04 8.80 -35.42
C PHE H 221 -7.13 9.61 -34.73
N SER H 222 -7.33 10.81 -35.26
CA SER H 222 -8.48 11.64 -34.91
C SER H 222 -9.37 11.70 -36.14
N GLU K 4 4.60 16.96 -23.09
CA GLU K 4 5.83 16.13 -22.93
C GLU K 4 6.08 15.89 -21.45
N ASN K 5 5.12 16.25 -20.58
CA ASN K 5 5.27 16.00 -19.14
C ASN K 5 4.08 15.09 -18.79
N TYR K 6 4.28 13.99 -18.06
CA TYR K 6 3.19 13.00 -17.87
C TYR K 6 2.75 12.81 -16.41
N LEU K 7 1.44 12.79 -16.16
CA LEU K 7 0.91 12.50 -14.82
C LEU K 7 0.02 11.26 -14.88
N ASN K 8 0.07 10.40 -13.84
CA ASN K 8 -0.67 9.14 -13.85
C ASN K 8 -1.97 9.16 -13.06
N HIS K 9 -3.06 9.40 -13.79
CA HIS K 9 -4.40 9.37 -13.21
C HIS K 9 -4.81 7.97 -12.84
N PRO K 10 -5.46 7.78 -11.66
CA PRO K 10 -5.84 6.44 -11.20
C PRO K 10 -6.72 5.68 -12.18
N THR K 11 -7.73 6.36 -12.71
CA THR K 11 -8.73 5.72 -13.60
C THR K 11 -8.32 5.77 -15.07
N PHE K 12 -8.04 6.97 -15.57
CA PHE K 12 -7.82 7.19 -17.00
C PHE K 12 -6.37 7.07 -17.44
N GLY K 13 -5.56 6.58 -16.51
CA GLY K 13 -4.16 6.29 -16.78
C GLY K 13 -3.32 7.55 -16.99
N LEU K 14 -2.43 7.46 -17.97
CA LEU K 14 -1.46 8.52 -18.26
C LEU K 14 -2.12 9.77 -18.84
N LEU K 15 -1.73 10.92 -18.28
CA LEU K 15 -2.21 12.22 -18.78
C LEU K 15 -0.98 13.07 -19.11
N TYR K 16 -1.01 13.92 -20.13
CA TYR K 16 0.20 14.66 -20.55
C TYR K 16 -0.01 16.18 -20.40
N GLN K 17 0.95 16.88 -19.81
CA GLN K 17 0.80 18.33 -19.54
C GLN K 17 0.56 19.12 -20.82
N ILE K 18 -0.20 20.22 -20.73
CA ILE K 18 -0.49 21.12 -21.86
C ILE K 18 0.09 22.50 -21.56
N CYS K 19 -0.42 23.17 -20.53
CA CYS K 19 0.08 24.55 -20.30
C CYS K 19 0.48 24.72 -18.85
N SER K 20 0.76 25.95 -18.45
CA SER K 20 1.11 26.23 -17.04
C SER K 20 0.09 27.26 -16.55
N PHE K 21 -0.22 27.26 -15.27
CA PHE K 21 -1.27 28.17 -14.76
C PHE K 21 -0.68 28.89 -13.55
N GLY K 22 -1.22 30.05 -13.20
CA GLY K 22 -0.56 30.79 -12.12
C GLY K 22 -0.59 29.93 -10.89
N ASP K 23 0.53 29.91 -10.16
CA ASP K 23 0.67 28.98 -9.00
C ASP K 23 1.04 27.60 -9.55
N SER K 24 0.99 26.57 -8.72
CA SER K 24 1.33 25.17 -9.10
C SER K 24 0.40 24.60 -10.17
N LYS K 25 -0.89 24.91 -10.13
CA LYS K 25 -1.90 24.19 -10.96
C LYS K 25 -1.64 24.28 -12.46
N GLU K 26 -1.87 23.17 -13.17
CA GLU K 26 -1.62 23.10 -14.63
C GLU K 26 -2.74 22.31 -15.32
N LEU K 27 -2.91 22.52 -16.62
CA LEU K 27 -3.95 21.77 -17.38
C LEU K 27 -3.33 20.51 -17.99
N PHE K 28 -3.94 19.34 -17.73
CA PHE K 28 -3.46 18.05 -18.27
C PHE K 28 -4.50 17.44 -19.20
N ALA K 29 -4.10 16.54 -20.10
CA ALA K 29 -5.05 16.00 -21.09
C ALA K 29 -4.91 14.48 -21.23
N THR K 30 -5.97 13.80 -21.67
CA THR K 30 -5.93 12.33 -21.89
C THR K 30 -4.96 12.00 -23.03
N LEU K 31 -4.22 10.90 -22.90
CA LEU K 31 -3.15 10.57 -23.88
C LEU K 31 -3.69 10.31 -25.29
N TYR K 32 -4.82 9.64 -25.41
CA TYR K 32 -5.28 9.30 -26.78
C TYR K 32 -6.46 10.15 -27.22
N ALA K 33 -6.25 10.99 -28.26
CA ALA K 33 -7.33 11.79 -28.89
C ALA K 33 -7.72 13.00 -28.01
N GLN K 34 -7.04 13.21 -26.89
CA GLN K 34 -7.30 14.39 -26.05
C GLN K 34 -8.79 14.44 -25.70
N ARG K 35 -9.40 13.29 -25.42
CA ARG K 35 -10.85 13.24 -25.17
C ARG K 35 -11.21 14.01 -23.89
N LEU K 36 -10.38 13.90 -22.84
CA LEU K 36 -10.72 14.54 -21.55
C LEU K 36 -9.60 15.48 -21.09
N PHE K 37 -9.96 16.68 -20.61
CA PHE K 37 -8.98 17.68 -20.14
C PHE K 37 -9.13 17.88 -18.64
N PHE K 38 -8.03 17.87 -17.87
CA PHE K 38 -8.13 17.95 -16.40
C PHE K 38 -7.33 19.11 -15.80
N LEU K 39 -7.87 19.75 -14.77
CA LEU K 39 -7.11 20.82 -14.08
C LEU K 39 -6.55 20.20 -12.82
N VAL K 40 -5.22 20.16 -12.70
CA VAL K 40 -4.64 19.46 -11.53
C VAL K 40 -4.08 20.55 -10.61
N ALA K 41 -4.51 20.55 -9.35
CA ALA K 41 -3.91 21.53 -8.43
C ALA K 41 -3.05 20.74 -7.45
N PHE K 42 -1.77 21.09 -7.40
CA PHE K 42 -0.84 20.35 -6.51
C PHE K 42 -1.18 20.68 -5.06
N ASP K 43 -1.11 19.70 -4.18
CA ASP K 43 -1.31 19.96 -2.74
C ASP K 43 -0.19 19.20 -2.05
N ALA K 44 0.42 19.76 -1.00
CA ALA K 44 1.54 19.01 -0.42
C ALA K 44 1.07 17.54 -0.41
N ARG K 45 -0.23 17.34 -0.16
CA ARG K 45 -0.82 15.99 -0.22
C ARG K 45 -2.13 16.08 -0.99
N GLY K 46 -2.18 15.66 -2.26
CA GLY K 46 -3.45 15.85 -2.97
C GLY K 46 -3.37 15.57 -4.45
N THR K 47 -2.62 16.41 -5.16
CA THR K 47 -2.52 16.26 -6.63
C THR K 47 -3.97 16.17 -7.13
N ARG K 48 -4.85 17.05 -6.63
CA ARG K 48 -6.29 16.94 -6.94
C ARG K 48 -6.56 17.09 -8.43
N PHE K 49 -7.50 16.30 -8.94
CA PHE K 49 -7.86 16.34 -10.37
C PHE K 49 -9.23 17.00 -10.55
N GLU K 50 -9.38 17.81 -11.60
CA GLU K 50 -10.64 18.51 -11.89
C GLU K 50 -10.92 18.60 -13.39
N PRO K 51 -11.92 17.86 -13.84
CA PRO K 51 -12.25 17.74 -15.25
C PRO K 51 -12.92 18.97 -15.82
N ILE K 52 -12.60 19.26 -17.07
CA ILE K 52 -13.22 20.36 -17.80
C ILE K 52 -13.41 20.00 -19.26
N GLY K 53 -14.26 20.79 -19.93
CA GLY K 53 -14.56 20.62 -21.35
C GLY K 53 -13.52 21.23 -22.27
N ARG K 54 -13.61 20.88 -23.55
CA ARG K 54 -12.71 21.44 -24.58
C ARG K 54 -12.77 22.97 -24.70
N ASN K 55 -13.98 23.48 -24.88
CA ASN K 55 -14.24 24.91 -25.04
C ASN K 55 -13.59 25.73 -23.94
N GLU K 56 -13.78 25.25 -22.71
CA GLU K 56 -13.28 25.97 -21.53
C GLU K 56 -11.77 25.84 -21.43
N ALA K 57 -11.29 24.68 -21.82
CA ALA K 57 -9.85 24.37 -21.79
C ALA K 57 -9.06 25.22 -22.78
N ARG K 58 -9.68 25.50 -23.93
CA ARG K 58 -9.04 26.29 -24.98
C ARG K 58 -8.78 27.71 -24.51
N MET K 59 -9.81 28.40 -24.03
CA MET K 59 -9.64 29.82 -23.66
C MET K 59 -8.64 29.95 -22.50
N LEU K 60 -8.54 28.92 -21.64
CA LEU K 60 -7.63 29.03 -20.48
C LEU K 60 -6.21 29.17 -21.00
N VAL K 61 -5.88 28.42 -22.05
CA VAL K 61 -4.54 28.51 -22.68
C VAL K 61 -4.38 29.91 -23.28
N ASP K 62 -5.44 30.44 -23.88
CA ASP K 62 -5.32 31.75 -24.58
C ASP K 62 -4.91 32.81 -23.56
N ASN K 63 -5.55 32.80 -22.39
CA ASN K 63 -5.16 33.74 -21.32
C ASN K 63 -3.67 33.56 -21.03
N ARG K 64 -3.23 32.31 -20.86
CA ARG K 64 -1.82 32.07 -20.51
C ARG K 64 -0.95 32.57 -21.65
N LEU K 65 -1.39 32.32 -22.89
CA LEU K 65 -0.64 32.85 -24.06
C LEU K 65 -0.45 34.35 -23.88
N ARG K 66 -1.56 35.11 -23.83
CA ARG K 66 -1.43 36.59 -23.72
C ARG K 66 -0.48 36.92 -22.57
N GLN K 67 -0.66 36.29 -21.41
CA GLN K 67 0.16 36.66 -20.25
C GLN K 67 1.63 36.38 -20.54
N LEU K 68 1.93 35.22 -21.14
CA LEU K 68 3.35 34.91 -21.35
C LEU K 68 3.98 35.93 -22.29
N ARG K 69 3.27 36.28 -23.36
CA ARG K 69 3.91 37.18 -24.34
C ARG K 69 4.21 38.54 -23.72
N ARG K 70 3.26 39.10 -22.96
CA ARG K 70 3.48 40.48 -22.46
C ARG K 70 4.57 40.53 -21.38
N ASP K 71 4.65 39.54 -20.50
CA ASP K 71 5.60 39.66 -19.36
C ASP K 71 6.76 38.68 -19.48
N ALA K 72 6.85 37.91 -20.56
CA ALA K 72 7.92 36.89 -20.56
C ALA K 72 8.61 36.78 -21.93
N SER K 73 9.49 35.77 -22.06
CA SER K 73 10.24 35.53 -23.30
C SER K 73 9.31 35.08 -24.42
N LEU K 74 9.63 35.47 -25.67
CA LEU K 74 8.84 35.03 -26.82
C LEU K 74 8.89 33.50 -26.91
N GLN K 75 10.06 32.93 -26.64
CA GLN K 75 10.21 31.47 -26.80
C GLN K 75 9.23 30.75 -25.87
N GLU K 76 9.08 31.19 -24.61
CA GLU K 76 8.11 30.46 -23.77
C GLU K 76 6.73 30.59 -24.40
N TYR K 77 6.39 31.80 -24.86
CA TYR K 77 5.08 32.05 -25.46
C TYR K 77 4.94 31.18 -26.72
N ASN K 78 6.01 31.12 -27.50
CA ASN K 78 5.97 30.33 -28.75
C ASN K 78 5.77 28.85 -28.40
N GLN K 79 6.45 28.37 -27.35
CA GLN K 79 6.38 26.93 -27.03
C GLN K 79 4.94 26.56 -26.67
N LEU K 80 4.26 27.42 -25.90
CA LEU K 80 2.85 27.14 -25.60
C LEU K 80 2.05 27.35 -26.89
N GLN K 81 2.48 28.32 -27.70
CA GLN K 81 1.73 28.59 -28.93
C GLN K 81 1.80 27.38 -29.86
N GLN K 82 2.89 26.62 -29.77
CA GLN K 82 3.03 25.36 -30.51
C GLN K 82 2.07 24.30 -30.00
N VAL K 83 2.02 24.16 -28.67
CA VAL K 83 1.10 23.24 -28.01
C VAL K 83 -0.33 23.59 -28.35
N PHE K 84 -0.64 24.86 -28.20
CA PHE K 84 -1.96 25.39 -28.53
C PHE K 84 -2.31 25.12 -29.99
N LYS K 85 -1.36 25.49 -30.85
CA LYS K 85 -1.49 25.29 -32.29
C LYS K 85 -1.84 23.83 -32.63
N GLN K 86 -1.14 22.91 -31.99
CA GLN K 86 -1.35 21.46 -32.25
C GLN K 86 -2.64 20.95 -31.65
N THR K 87 -2.88 21.37 -30.41
CA THR K 87 -4.02 20.90 -29.62
C THR K 87 -5.34 21.42 -30.13
N PHE K 88 -5.32 22.58 -30.75
CA PHE K 88 -6.54 23.22 -31.28
C PHE K 88 -6.37 23.65 -32.72
N GLU L 4 -35.56 -24.98 -30.36
CA GLU L 4 -36.75 -24.67 -31.22
C GLU L 4 -37.84 -23.86 -30.48
N ASN L 5 -37.58 -23.61 -29.18
CA ASN L 5 -38.52 -22.85 -28.37
C ASN L 5 -37.84 -21.70 -27.64
N TYR L 6 -38.23 -20.47 -28.00
CA TYR L 6 -37.52 -19.27 -27.52
C TYR L 6 -38.25 -18.49 -26.44
N LEU L 7 -37.47 -17.75 -25.67
CA LEU L 7 -37.97 -16.84 -24.64
C LEU L 7 -37.01 -15.68 -24.42
N ASN L 8 -37.55 -14.45 -24.37
CA ASN L 8 -36.73 -13.22 -24.31
C ASN L 8 -36.47 -12.71 -22.87
N HIS L 9 -35.32 -13.11 -22.34
CA HIS L 9 -34.85 -12.66 -21.04
C HIS L 9 -34.55 -11.17 -21.12
N PRO L 10 -34.93 -10.41 -20.08
CA PRO L 10 -34.71 -8.95 -20.09
C PRO L 10 -33.26 -8.57 -20.31
N THR L 11 -32.38 -9.25 -19.58
CA THR L 11 -30.97 -8.90 -19.56
C THR L 11 -30.20 -9.63 -20.67
N PHE L 12 -30.28 -10.96 -20.65
CA PHE L 12 -29.43 -11.81 -21.50
C PHE L 12 -30.02 -12.08 -22.87
N GLY L 13 -31.06 -11.33 -23.20
CA GLY L 13 -31.68 -11.39 -24.50
C GLY L 13 -32.38 -12.71 -24.75
N LEU L 14 -32.27 -13.19 -26.00
CA LEU L 14 -33.01 -14.38 -26.43
C LEU L 14 -32.45 -15.64 -25.80
N LEU L 15 -33.36 -16.46 -25.26
CA LEU L 15 -32.97 -17.74 -24.63
C LEU L 15 -33.59 -18.89 -25.41
N TYR L 16 -32.96 -20.06 -25.43
CA TYR L 16 -33.45 -21.18 -26.27
C TYR L 16 -33.80 -22.37 -25.38
N GLN L 17 -34.98 -22.97 -25.59
CA GLN L 17 -35.45 -24.06 -24.70
C GLN L 17 -34.59 -25.31 -24.82
N ILE L 18 -34.45 -26.04 -23.72
CA ILE L 18 -33.75 -27.32 -23.69
C ILE L 18 -34.74 -28.47 -23.60
N CYS L 19 -35.58 -28.45 -22.54
CA CYS L 19 -36.55 -29.54 -22.32
C CYS L 19 -37.69 -29.06 -21.42
N SER L 20 -38.43 -30.00 -20.78
CA SER L 20 -39.58 -29.64 -19.93
C SER L 20 -39.79 -30.66 -18.80
N PHE L 21 -39.13 -30.50 -17.66
CA PHE L 21 -39.28 -31.40 -16.50
C PHE L 21 -40.75 -31.39 -16.02
N GLY L 22 -41.40 -30.22 -16.13
CA GLY L 22 -42.80 -30.01 -15.73
C GLY L 22 -43.32 -28.81 -16.54
N ASP L 23 -44.56 -28.24 -16.28
CA ASP L 23 -45.10 -27.01 -17.02
C ASP L 23 -46.53 -26.47 -16.64
N LYS L 25 -42.26 -26.08 -15.00
CA LYS L 25 -40.83 -25.67 -14.84
C LYS L 25 -40.05 -26.19 -16.04
N GLU L 26 -39.47 -25.29 -16.83
CA GLU L 26 -38.72 -25.67 -18.04
C GLU L 26 -37.29 -25.12 -17.96
N LEU L 27 -36.35 -25.71 -18.71
CA LEU L 27 -34.95 -25.25 -18.74
C LEU L 27 -34.63 -24.48 -20.00
N PHE L 28 -34.01 -23.30 -19.86
CA PHE L 28 -33.66 -22.47 -21.04
C PHE L 28 -32.20 -22.09 -20.98
N ALA L 29 -31.57 -21.83 -22.13
CA ALA L 29 -30.13 -21.53 -22.15
C ALA L 29 -29.83 -20.33 -23.07
N THR L 30 -28.73 -19.61 -22.81
CA THR L 30 -28.36 -18.43 -23.61
C THR L 30 -28.04 -18.82 -25.06
N LEU L 31 -28.47 -18.01 -26.03
CA LEU L 31 -28.30 -18.34 -27.47
C LEU L 31 -26.84 -18.45 -27.90
N TYR L 32 -25.96 -17.57 -27.43
CA TYR L 32 -24.58 -17.58 -27.95
C TYR L 32 -23.66 -18.33 -26.99
N ALA L 33 -23.18 -19.52 -27.40
CA ALA L 33 -22.18 -20.29 -26.65
C ALA L 33 -22.82 -21.02 -25.46
N GLN L 34 -24.14 -20.88 -25.30
CA GLN L 34 -24.85 -21.58 -24.21
C GLN L 34 -24.15 -21.21 -22.90
N ARG L 35 -23.71 -19.94 -22.77
CA ARG L 35 -22.94 -19.53 -21.57
C ARG L 35 -23.77 -19.62 -20.29
N LEU L 36 -25.04 -19.24 -20.34
CA LEU L 36 -25.87 -19.21 -19.12
C LEU L 36 -27.12 -20.07 -19.28
N PHE L 37 -27.47 -20.88 -18.27
CA PHE L 37 -28.65 -21.76 -18.29
C PHE L 37 -29.66 -21.30 -17.25
N PHE L 38 -30.96 -21.18 -17.59
CA PHE L 38 -31.94 -20.64 -16.65
C PHE L 38 -33.16 -21.54 -16.47
N LEU L 39 -33.71 -21.62 -15.25
CA LEU L 39 -34.92 -22.37 -14.98
C LEU L 39 -36.11 -21.43 -14.97
N VAL L 40 -36.91 -21.53 -16.04
CA VAL L 40 -38.07 -20.61 -16.17
C VAL L 40 -39.25 -21.21 -15.42
N ALA L 41 -39.80 -20.48 -14.47
CA ALA L 41 -40.99 -20.93 -13.70
C ALA L 41 -42.12 -19.97 -14.01
N PHE L 42 -43.31 -20.47 -14.39
CA PHE L 42 -44.35 -19.51 -14.81
C PHE L 42 -45.42 -19.37 -13.73
N ASP L 43 -45.66 -18.14 -13.30
CA ASP L 43 -46.67 -17.85 -12.25
C ASP L 43 -47.32 -16.52 -12.66
N ALA L 44 -48.54 -16.23 -12.20
CA ALA L 44 -49.07 -14.90 -12.54
C ALA L 44 -48.11 -13.90 -11.88
N ARG L 45 -47.76 -12.82 -12.56
CA ARG L 45 -46.72 -11.91 -12.00
C ARG L 45 -45.48 -12.77 -11.79
N GLY L 46 -45.21 -13.71 -12.72
CA GLY L 46 -44.09 -14.67 -12.55
C GLY L 46 -43.08 -14.60 -13.68
N THR L 47 -42.92 -15.70 -14.42
CA THR L 47 -41.89 -15.78 -15.49
C THR L 47 -40.54 -15.54 -14.81
N ARG L 48 -40.39 -16.05 -13.58
CA ARG L 48 -39.13 -15.87 -12.82
C ARG L 48 -38.00 -16.58 -13.54
N PHE L 49 -36.80 -15.98 -13.55
CA PHE L 49 -35.63 -16.58 -14.23
C PHE L 49 -34.63 -17.03 -13.17
N GLU L 50 -34.56 -18.35 -12.93
CA GLU L 50 -33.67 -18.89 -11.90
C GLU L 50 -32.42 -19.49 -12.57
N PRO L 51 -31.30 -18.80 -12.40
CA PRO L 51 -30.06 -19.20 -13.01
C PRO L 51 -29.45 -20.41 -12.32
N ILE L 52 -28.81 -21.25 -13.12
CA ILE L 52 -28.12 -22.43 -12.59
C ILE L 52 -26.81 -22.68 -13.34
N GLY L 53 -25.98 -23.56 -12.75
CA GLY L 53 -24.69 -23.93 -13.33
C GLY L 53 -24.84 -25.07 -14.33
N ARG L 54 -23.90 -25.20 -15.27
CA ARG L 54 -24.02 -26.24 -16.32
C ARG L 54 -24.02 -27.63 -15.67
N ASN L 55 -23.10 -27.89 -14.75
CA ASN L 55 -22.98 -29.27 -14.21
C ASN L 55 -24.33 -29.68 -13.62
N GLU L 56 -24.96 -28.77 -12.87
CA GLU L 56 -26.28 -29.06 -12.32
C GLU L 56 -27.35 -29.12 -13.41
N ALA L 57 -27.31 -28.17 -14.33
CA ALA L 57 -28.30 -28.11 -15.43
C ALA L 57 -28.27 -29.40 -16.24
N ARG L 58 -27.13 -30.06 -16.14
CA ARG L 58 -26.94 -31.33 -16.86
C ARG L 58 -27.71 -32.46 -16.22
N MET L 59 -27.44 -32.69 -14.94
CA MET L 59 -28.06 -33.78 -14.20
C MET L 59 -29.59 -33.69 -14.19
N LEU L 60 -30.07 -32.47 -14.27
CA LEU L 60 -31.50 -32.24 -14.33
C LEU L 60 -32.10 -32.83 -15.60
N VAL L 61 -31.42 -32.60 -16.71
CA VAL L 61 -31.83 -33.15 -18.00
C VAL L 61 -31.64 -34.66 -17.98
N ASP L 62 -30.66 -35.10 -17.21
CA ASP L 62 -30.36 -36.52 -17.08
C ASP L 62 -31.58 -37.28 -16.58
N ASN L 63 -32.12 -36.79 -15.48
CA ASN L 63 -33.34 -37.34 -14.88
C ASN L 63 -34.47 -37.42 -15.90
N ARG L 64 -34.54 -36.40 -16.74
CA ARG L 64 -35.57 -36.33 -17.76
C ARG L 64 -35.32 -37.30 -18.90
N LEU L 65 -34.07 -37.70 -19.07
CA LEU L 65 -33.71 -38.68 -20.10
C LEU L 65 -34.23 -40.07 -19.75
N ARG L 66 -34.02 -40.47 -18.51
CA ARG L 66 -34.48 -41.77 -18.03
C ARG L 66 -36.00 -41.80 -17.88
N GLN L 67 -36.60 -40.64 -17.72
CA GLN L 67 -38.05 -40.53 -17.54
C GLN L 67 -38.78 -40.72 -18.84
N LEU L 68 -38.29 -40.09 -19.90
CA LEU L 68 -38.87 -40.22 -21.23
C LEU L 68 -38.64 -41.63 -21.79
N ARG L 69 -37.50 -42.18 -21.41
CA ARG L 69 -37.05 -43.48 -21.88
C ARG L 69 -38.11 -44.55 -21.68
N ARG L 70 -38.41 -44.88 -20.42
CA ARG L 70 -39.31 -46.04 -20.21
C ARG L 70 -40.77 -45.66 -20.01
N ASP L 71 -41.06 -44.43 -19.58
CA ASP L 71 -42.45 -44.12 -19.23
C ASP L 71 -43.21 -43.46 -20.36
N ALA L 72 -42.48 -42.80 -21.24
CA ALA L 72 -43.11 -42.04 -22.30
C ALA L 72 -42.86 -42.68 -23.69
N SER L 73 -42.89 -41.79 -24.68
CA SER L 73 -42.88 -42.18 -26.08
C SER L 73 -41.46 -42.35 -26.59
N LEU L 74 -41.41 -42.89 -27.79
CA LEU L 74 -40.15 -43.17 -28.46
C LEU L 74 -39.56 -41.87 -29.01
N GLN L 75 -40.42 -41.18 -29.78
CA GLN L 75 -40.11 -39.88 -30.39
C GLN L 75 -39.41 -38.95 -29.39
N GLU L 76 -40.07 -38.77 -28.24
CA GLU L 76 -39.69 -37.75 -27.26
C GLU L 76 -38.31 -38.03 -26.71
N TYR L 77 -38.07 -39.28 -26.34
CA TYR L 77 -36.77 -39.68 -25.79
C TYR L 77 -35.63 -39.39 -26.76
N ASN L 78 -35.89 -39.61 -28.05
CA ASN L 78 -34.87 -39.39 -29.08
C ASN L 78 -34.52 -37.92 -29.24
N GLN L 79 -35.53 -37.08 -29.29
CA GLN L 79 -35.35 -35.64 -29.46
C GLN L 79 -34.49 -35.03 -28.36
N LEU L 80 -34.83 -35.34 -27.11
CA LEU L 80 -34.10 -34.83 -25.95
C LEU L 80 -32.63 -35.27 -25.94
N GLN L 81 -32.37 -36.52 -26.34
CA GLN L 81 -30.99 -37.03 -26.44
C GLN L 81 -30.14 -36.16 -27.37
N GLN L 82 -30.73 -35.90 -28.52
CA GLN L 82 -30.11 -35.05 -29.54
C GLN L 82 -29.65 -33.76 -28.87
N VAL L 83 -30.58 -33.10 -28.18
CA VAL L 83 -30.29 -31.82 -27.54
C VAL L 83 -29.20 -31.98 -26.49
N PHE L 84 -29.35 -33.02 -25.67
CA PHE L 84 -28.36 -33.34 -24.64
C PHE L 84 -27.01 -33.60 -25.29
N LYS L 85 -27.03 -34.44 -26.31
CA LYS L 85 -25.83 -34.77 -27.06
C LYS L 85 -25.13 -33.52 -27.61
N GLN L 86 -25.90 -32.62 -28.23
CA GLN L 86 -25.37 -31.39 -28.83
C GLN L 86 -24.89 -30.40 -27.78
N THR L 87 -25.69 -30.25 -26.73
CA THR L 87 -25.48 -29.22 -25.71
C THR L 87 -24.32 -29.50 -24.75
N PHE L 88 -24.02 -30.75 -24.50
CA PHE L 88 -23.01 -31.09 -23.48
C PHE L 88 -21.82 -31.93 -23.97
N LEU L 89 -22.02 -32.67 -25.05
CA LEU L 89 -20.97 -33.55 -25.60
C LEU L 89 -20.24 -32.98 -26.81
C1 AKG M . 18.45 4.87 14.32
O1 AKG M . 17.30 4.88 13.84
O2 AKG M . 18.59 4.67 15.55
C2 AKG M . 19.64 5.01 13.48
O5 AKG M . 19.52 5.05 12.24
C3 AKG M . 21.03 5.10 14.09
C4 AKG M . 22.17 5.58 13.17
C5 AKG M . 21.84 6.82 12.33
O3 AKG M . 20.94 7.59 12.74
O4 AKG M . 22.50 7.00 11.32
C1 AKG N . 11.90 6.91 29.23
O1 AKG N . 12.35 8.03 29.52
O2 AKG N . 12.25 6.28 28.18
C2 AKG N . 10.89 6.38 30.13
O5 AKG N . 10.48 7.09 31.03
C3 AKG N . 10.38 4.96 30.03
C4 AKG N . 9.08 4.72 30.77
C5 AKG N . 7.98 5.65 30.29
O3 AKG N . 8.20 6.29 29.21
O4 AKG N . 6.94 5.74 30.99
C1 AKG O . -21.92 4.40 -23.07
O1 AKG O . -23.08 4.05 -22.81
O2 AKG O . -20.95 3.64 -22.84
C2 AKG O . -21.68 5.76 -23.64
O5 AKG O . -22.59 6.58 -23.77
C3 AKG O . -20.32 6.18 -24.15
C4 AKG O . -20.14 7.69 -24.37
C5 AKG O . -20.41 8.46 -23.09
O3 AKG O . -20.56 7.79 -22.00
O4 AKG O . -20.49 9.70 -23.21
C1 AKG P . -15.28 -8.62 -16.39
O1 AKG P . -14.71 -7.94 -15.55
O2 AKG P . -15.83 -8.04 -17.34
C2 AKG P . -15.29 -10.10 -16.34
O5 AKG P . -14.66 -10.70 -15.46
C3 AKG P . -16.07 -10.91 -17.36
C4 AKG P . -16.30 -12.39 -17.02
C5 AKG P . -16.85 -12.63 -15.62
O3 AKG P . -17.34 -11.65 -14.98
O4 AKG P . -16.78 -13.79 -15.21
#